data_9N58
#
_entry.id   9N58
#
_cell.length_a   70.019
_cell.length_b   97.339
_cell.length_c   104.055
_cell.angle_alpha   90.000
_cell.angle_beta   92.583
_cell.angle_gamma   90.000
#
_symmetry.space_group_name_H-M   'P 1 21 1'
#
loop_
_entity.id
_entity.type
_entity.pdbx_description
1 polymer 'Tyrosine specific protein phosphatases domain-containing protein'
2 non-polymer 'INOSITOL HEXAKISPHOSPHATE'
3 water water
#
_entity_poly.entity_id   1
_entity_poly.type   'polypeptide(L)'
_entity_poly.pdbx_seq_one_letter_code
;MGSSHHHHHHSSGLVPAGSHMAASAEPGPDVGVLTLDAPAASALPHRFRTCFFPLTASDGAAVPSREGLNGLRVSGSSQF
SLAGLALMREQFPPRAVIVDLRRESHGFLGGNAVSWRLPDNQGNPGRDAAFVAEAEAALLAAIDERPDIVVAREARRGGP
TPLTLGPLPAVSEAQAAASLGLGYLRLAVSDHTRPDDAVVERFVRFSRSLPPDVWLHFHSRGGAGRTTTFMTLVDMLRNA
PSVAFEDIIARQKALGGSDLAKTSDGSAPGRDALARQRLEFLRRFYEYARANPGGAPLGWTAWLAGGAKP
;
_entity_poly.pdbx_strand_id   A,B,C,D
#
# COMPACT_ATOMS: atom_id res chain seq x y z
N ASP A 30 35.20 20.49 -16.24
CA ASP A 30 35.08 20.53 -14.79
C ASP A 30 33.73 20.01 -14.34
N VAL A 31 33.68 18.73 -13.90
CA VAL A 31 32.44 18.13 -13.44
C VAL A 31 32.28 18.21 -11.92
N GLY A 32 33.30 18.66 -11.20
CA GLY A 32 33.20 18.85 -9.76
C GLY A 32 33.92 17.75 -9.00
N VAL A 33 33.97 17.96 -7.68
CA VAL A 33 34.62 17.01 -6.77
C VAL A 33 33.59 16.00 -6.29
N LEU A 34 33.90 14.72 -6.47
CA LEU A 34 33.06 13.66 -5.94
C LEU A 34 33.06 13.72 -4.42
N THR A 35 31.89 14.02 -3.83
CA THR A 35 31.79 14.31 -2.41
C THR A 35 30.71 13.43 -1.79
N LEU A 36 30.89 13.16 -0.49
CA LEU A 36 29.94 12.33 0.25
C LEU A 36 28.77 13.19 0.72
N ASP A 37 27.55 12.70 0.49
CA ASP A 37 26.34 13.32 1.02
C ASP A 37 25.90 12.67 2.32
N ALA A 38 25.88 11.34 2.37
CA ALA A 38 25.50 10.61 3.56
C ALA A 38 26.17 9.25 3.50
N PRO A 39 26.85 8.82 4.57
CA PRO A 39 27.49 7.51 4.55
C PRO A 39 26.46 6.39 4.61
N ALA A 40 26.85 5.23 4.07
CA ALA A 40 25.94 4.10 3.98
C ALA A 40 25.37 3.71 5.33
N ALA A 41 26.13 3.92 6.41
CA ALA A 41 25.70 3.54 7.74
C ALA A 41 24.65 4.48 8.32
N SER A 42 24.47 5.66 7.74
CA SER A 42 23.48 6.59 8.25
C SER A 42 22.07 6.00 8.10
N ALA A 43 21.21 6.31 9.07
CA ALA A 43 19.84 5.82 9.08
C ALA A 43 18.87 6.93 8.70
N LEU A 44 18.00 7.33 9.61
CA LEU A 44 17.02 8.37 9.31
C LEU A 44 17.76 9.64 8.89
N PRO A 45 17.49 10.20 7.71
CA PRO A 45 18.24 11.38 7.27
C PRO A 45 17.97 12.59 8.15
N HIS A 46 18.96 13.48 8.19
CA HIS A 46 18.83 14.74 8.91
C HIS A 46 17.63 15.53 8.40
N ARG A 47 17.00 16.25 9.32
CA ARG A 47 15.88 17.15 9.01
C ARG A 47 14.67 16.40 8.44
N PHE A 48 14.51 15.13 8.82
CA PHE A 48 13.31 14.41 8.40
C PHE A 48 12.09 14.91 9.17
N ARG A 49 11.01 15.18 8.45
CA ARG A 49 9.76 15.55 9.09
C ARG A 49 8.62 15.29 8.12
N THR A 50 7.44 15.03 8.67
CA THR A 50 6.21 14.94 7.91
C THR A 50 5.27 16.05 8.38
N CYS A 51 4.20 16.26 7.63
CA CYS A 51 3.20 17.25 8.00
C CYS A 51 2.43 16.86 9.25
N PHE A 52 2.69 15.70 9.83
CA PHE A 52 2.09 15.28 11.11
C PHE A 52 3.00 15.53 12.30
N PHE A 53 4.24 16.00 12.07
CA PHE A 53 5.18 16.18 13.15
C PHE A 53 4.76 17.35 14.05
N PRO A 54 5.21 17.36 15.29
CA PRO A 54 4.90 18.49 16.17
C PRO A 54 5.61 19.76 15.72
N LEU A 55 5.02 20.89 16.08
CA LEU A 55 5.59 22.20 15.74
C LEU A 55 6.39 22.72 16.93
N THR A 56 7.61 23.16 16.66
CA THR A 56 8.46 23.79 17.66
C THR A 56 8.49 25.29 17.39
N ALA A 57 7.97 26.07 18.34
CA ALA A 57 7.92 27.52 18.15
C ALA A 57 9.32 28.11 18.29
N SER A 58 9.47 29.32 17.75
CA SER A 58 10.74 30.04 17.79
C SER A 58 10.77 31.03 18.96
N ALA A 61 8.04 34.18 19.40
CA ALA A 61 6.96 34.10 18.42
C ALA A 61 5.94 33.06 18.83
N ALA A 62 4.68 33.26 18.44
CA ALA A 62 3.63 32.32 18.76
C ALA A 62 3.60 31.18 17.75
N VAL A 63 3.08 30.04 18.19
CA VAL A 63 2.98 28.88 17.29
C VAL A 63 2.06 29.25 16.13
N PRO A 64 2.49 29.11 14.88
CA PRO A 64 1.63 29.53 13.76
C PRO A 64 0.39 28.66 13.65
N SER A 65 -0.54 29.13 12.82
CA SER A 65 -1.76 28.37 12.57
C SER A 65 -1.43 26.99 12.03
N ARG A 66 -2.21 25.99 12.46
CA ARG A 66 -2.07 24.62 11.99
C ARG A 66 -3.15 24.23 11.00
N GLU A 67 -4.03 25.15 10.63
CA GLU A 67 -5.15 24.83 9.75
C GLU A 67 -4.65 24.31 8.41
N GLY A 68 -5.10 23.12 8.04
CA GLY A 68 -4.79 22.52 6.77
C GLY A 68 -3.41 21.88 6.66
N LEU A 69 -2.65 21.83 7.75
CA LEU A 69 -1.28 21.34 7.68
C LEU A 69 -1.23 19.82 7.66
N ASN A 70 -1.95 19.16 8.58
CA ASN A 70 -1.89 17.71 8.69
C ASN A 70 -2.27 17.00 7.39
N GLY A 71 -3.21 17.57 6.63
CA GLY A 71 -3.75 16.92 5.46
C GLY A 71 -2.98 17.11 4.17
N LEU A 72 -1.75 17.64 4.23
CA LEU A 72 -1.02 17.98 3.01
C LEU A 72 -0.41 16.77 2.31
N ARG A 73 -0.34 15.61 2.97
CA ARG A 73 0.28 14.43 2.38
C ARG A 73 1.68 14.75 1.86
N VAL A 74 2.52 15.30 2.74
CA VAL A 74 3.85 15.73 2.34
C VAL A 74 4.82 15.50 3.49
N SER A 75 6.05 15.17 3.13
CA SER A 75 7.16 15.07 4.07
C SER A 75 8.43 15.55 3.37
N GLY A 76 9.49 15.71 4.15
CA GLY A 76 10.76 16.17 3.61
C GLY A 76 11.92 15.68 4.44
N SER A 77 13.11 15.77 3.87
CA SER A 77 14.32 15.34 4.56
C SER A 77 15.55 15.78 3.76
N SER A 78 16.71 15.59 4.37
CA SER A 78 17.97 15.75 3.68
C SER A 78 18.26 14.49 2.84
N GLN A 79 19.39 14.49 2.16
CA GLN A 79 19.77 13.33 1.35
C GLN A 79 19.98 12.11 2.24
N PHE A 80 19.46 10.99 1.78
CA PHE A 80 19.45 9.74 2.54
C PHE A 80 20.43 8.75 1.93
N SER A 81 20.92 7.84 2.76
CA SER A 81 21.62 6.66 2.27
C SER A 81 20.59 5.66 1.76
N LEU A 82 21.06 4.55 1.19
CA LEU A 82 20.14 3.50 0.79
C LEU A 82 19.43 2.91 2.00
N ALA A 83 20.16 2.65 3.08
CA ALA A 83 19.54 2.15 4.29
C ALA A 83 18.54 3.16 4.84
N GLY A 84 18.86 4.45 4.75
CA GLY A 84 17.94 5.46 5.22
C GLY A 84 16.65 5.50 4.43
N LEU A 85 16.73 5.28 3.12
CA LEU A 85 15.52 5.23 2.31
C LEU A 85 14.66 4.03 2.70
N ALA A 86 15.28 2.87 2.89
CA ALA A 86 14.53 1.68 3.30
C ALA A 86 13.87 1.89 4.66
N LEU A 87 14.55 2.59 5.57
CA LEU A 87 13.96 2.87 6.87
C LEU A 87 12.75 3.80 6.73
N MET A 88 12.90 4.89 5.97
CA MET A 88 11.78 5.79 5.74
C MET A 88 10.61 5.06 5.09
N ARG A 89 10.88 4.05 4.26
CA ARG A 89 9.81 3.34 3.59
C ARG A 89 8.91 2.62 4.59
N GLU A 90 9.45 2.22 5.73
CA GLU A 90 8.65 1.53 6.73
C GLU A 90 7.46 2.36 7.17
N GLN A 91 7.56 3.68 7.09
CA GLN A 91 6.48 4.56 7.50
C GLN A 91 5.88 5.36 6.34
N PHE A 92 6.31 5.09 5.11
CA PHE A 92 5.70 5.74 3.95
C PHE A 92 4.33 5.12 3.67
N PRO A 93 3.32 5.93 3.36
CA PRO A 93 2.03 5.38 2.97
C PRO A 93 2.13 4.73 1.59
N PRO A 94 1.07 4.03 1.16
CA PRO A 94 1.06 3.51 -0.20
C PRO A 94 1.13 4.65 -1.21
N ARG A 95 1.73 4.36 -2.36
CA ARG A 95 1.81 5.32 -3.46
C ARG A 95 2.56 6.59 -3.06
N ALA A 96 3.74 6.38 -2.48
CA ALA A 96 4.61 7.49 -2.10
C ALA A 96 5.60 7.80 -3.21
N VAL A 97 5.98 9.06 -3.31
CA VAL A 97 6.87 9.54 -4.37
C VAL A 97 8.06 10.26 -3.74
N ILE A 98 9.27 9.87 -4.15
CA ILE A 98 10.48 10.59 -3.79
C ILE A 98 10.68 11.68 -4.82
N VAL A 99 10.58 12.94 -4.40
CA VAL A 99 10.77 14.08 -5.27
C VAL A 99 12.18 14.61 -5.03
N ASP A 100 13.05 14.39 -6.01
CA ASP A 100 14.45 14.78 -5.94
C ASP A 100 14.60 16.17 -6.55
N LEU A 101 15.01 17.13 -5.73
CA LEU A 101 15.09 18.53 -6.13
C LEU A 101 16.49 18.97 -6.53
N ARG A 102 17.44 18.02 -6.60
CA ARG A 102 18.85 18.36 -6.75
C ARG A 102 19.20 18.50 -8.23
N ARG A 103 19.55 19.72 -8.64
CA ARG A 103 20.07 19.92 -10.00
C ARG A 103 21.46 19.34 -10.15
N GLU A 104 22.23 19.28 -9.07
CA GLU A 104 23.56 18.71 -9.13
C GLU A 104 23.48 17.20 -9.37
N SER A 105 24.48 16.67 -10.07
CA SER A 105 24.56 15.24 -10.31
C SER A 105 24.87 14.51 -9.01
N HIS A 106 24.19 13.40 -8.79
CA HIS A 106 24.39 12.63 -7.57
C HIS A 106 23.82 11.24 -7.76
N GLY A 107 24.02 10.41 -6.75
CA GLY A 107 23.56 9.02 -6.80
C GLY A 107 24.03 8.27 -5.58
N PHE A 108 24.26 6.97 -5.77
CA PHE A 108 24.69 6.10 -4.70
C PHE A 108 25.86 5.23 -5.16
N LEU A 109 26.88 5.13 -4.31
CA LEU A 109 28.00 4.21 -4.51
C LEU A 109 27.91 3.22 -3.35
N GLY A 110 27.46 2.01 -3.64
CA GLY A 110 27.00 1.15 -2.56
C GLY A 110 25.82 1.83 -1.89
N GLY A 111 25.83 1.79 -0.55
CA GLY A 111 24.82 2.51 0.20
C GLY A 111 25.11 3.98 0.40
N ASN A 112 26.30 4.43 0.00
CA ASN A 112 26.71 5.81 0.25
C ASN A 112 26.08 6.76 -0.75
N ALA A 113 25.44 7.80 -0.25
CA ALA A 113 24.94 8.87 -1.10
C ALA A 113 26.09 9.81 -1.43
N VAL A 114 26.35 10.00 -2.73
CA VAL A 114 27.47 10.81 -3.20
C VAL A 114 26.98 11.76 -4.27
N SER A 115 27.74 12.84 -4.47
CA SER A 115 27.39 13.85 -5.46
C SER A 115 28.66 14.48 -6.00
N TRP A 116 28.51 15.18 -7.13
CA TRP A 116 29.61 15.91 -7.77
C TRP A 116 29.39 17.40 -7.51
N ARG A 117 30.25 17.97 -6.66
CA ARG A 117 30.07 19.31 -6.15
C ARG A 117 30.98 20.28 -6.89
N LEU A 118 30.39 21.23 -7.61
CA LEU A 118 31.10 22.38 -8.13
C LEU A 118 31.13 23.48 -7.08
N PRO A 119 31.90 24.55 -7.32
CA PRO A 119 31.89 25.66 -6.36
C PRO A 119 30.47 26.14 -6.10
N ASP A 120 30.17 26.34 -4.81
CA ASP A 120 28.83 26.70 -4.35
CA ASP A 120 28.83 26.70 -4.35
C ASP A 120 27.80 25.65 -4.71
N ASN A 121 28.26 24.44 -5.06
CA ASN A 121 27.37 23.31 -5.39
C ASN A 121 26.43 23.65 -6.54
N GLN A 122 26.93 24.38 -7.54
CA GLN A 122 26.14 24.81 -8.69
C GLN A 122 26.35 23.92 -9.89
N GLY A 123 26.27 22.60 -9.69
CA GLY A 123 26.43 21.68 -10.78
C GLY A 123 25.32 21.79 -11.81
N ASN A 124 25.65 21.38 -13.04
CA ASN A 124 24.72 21.39 -14.16
C ASN A 124 23.94 22.71 -14.19
N PRO A 125 24.63 23.85 -14.17
CA PRO A 125 23.93 25.13 -14.05
C PRO A 125 22.93 25.35 -15.17
N GLY A 126 21.72 25.78 -14.80
CA GLY A 126 20.69 26.08 -15.78
C GLY A 126 20.12 24.91 -16.52
N ARG A 127 20.46 23.68 -16.14
CA ARG A 127 20.03 22.48 -16.85
C ARG A 127 18.78 21.90 -16.22
N ASP A 128 17.93 21.30 -17.05
CA ASP A 128 16.70 20.68 -16.58
C ASP A 128 16.95 19.21 -16.22
N ALA A 129 15.92 18.57 -15.65
CA ALA A 129 16.08 17.22 -15.13
C ALA A 129 16.48 16.23 -16.21
N ALA A 130 15.99 16.42 -17.44
CA ALA A 130 16.33 15.48 -18.51
C ALA A 130 17.82 15.52 -18.83
N PHE A 131 18.40 16.73 -18.87
CA PHE A 131 19.83 16.86 -19.07
C PHE A 131 20.61 16.28 -17.90
N VAL A 132 20.19 16.60 -16.68
CA VAL A 132 20.91 16.14 -15.49
C VAL A 132 20.92 14.62 -15.42
N ALA A 133 19.77 14.00 -15.67
CA ALA A 133 19.67 12.55 -15.54
C ALA A 133 20.70 11.85 -16.41
N GLU A 134 20.82 12.25 -17.67
CA GLU A 134 21.79 11.62 -18.57
CA GLU A 134 21.79 11.62 -18.57
C GLU A 134 23.21 11.91 -18.14
N ALA A 135 23.49 13.16 -17.75
CA ALA A 135 24.84 13.53 -17.34
C ALA A 135 25.28 12.72 -16.12
N GLU A 136 24.43 12.67 -15.09
CA GLU A 136 24.83 11.97 -13.87
C GLU A 136 24.87 10.46 -14.10
N ALA A 137 24.07 9.95 -15.03
CA ALA A 137 24.11 8.53 -15.35
C ALA A 137 25.51 8.12 -15.81
N ALA A 138 26.12 8.93 -16.69
CA ALA A 138 27.46 8.62 -17.15
C ALA A 138 28.48 8.72 -16.01
N LEU A 139 28.34 9.73 -15.15
CA LEU A 139 29.27 9.86 -14.03
C LEU A 139 29.20 8.65 -13.11
N LEU A 140 27.98 8.18 -12.81
CA LEU A 140 27.83 6.99 -11.97
C LEU A 140 28.40 5.77 -12.66
N ALA A 141 28.20 5.65 -13.98
CA ALA A 141 28.74 4.51 -14.71
C ALA A 141 30.27 4.45 -14.60
N ALA A 142 30.93 5.61 -14.56
CA ALA A 142 32.38 5.64 -14.55
C ALA A 142 32.97 5.18 -13.23
N ILE A 143 32.18 5.12 -12.16
CA ILE A 143 32.65 4.67 -10.85
C ILE A 143 32.01 3.37 -10.43
N ASP A 144 31.19 2.75 -11.28
CA ASP A 144 30.47 1.54 -10.89
C ASP A 144 31.44 0.36 -10.75
N GLU A 145 31.38 -0.30 -9.59
CA GLU A 145 32.15 -1.51 -9.33
C GLU A 145 33.62 -1.32 -9.71
N ARG A 146 34.21 -0.23 -9.24
CA ARG A 146 35.61 0.08 -9.47
C ARG A 146 36.28 0.42 -8.15
N PRO A 147 37.49 -0.09 -7.91
CA PRO A 147 38.17 0.18 -6.63
C PRO A 147 38.84 1.55 -6.64
N ASP A 148 39.25 1.97 -5.44
CA ASP A 148 40.02 3.20 -5.25
C ASP A 148 39.27 4.41 -5.79
N ILE A 149 37.99 4.52 -5.41
CA ILE A 149 37.19 5.72 -5.70
C ILE A 149 37.36 6.66 -4.50
N VAL A 150 37.98 7.81 -4.74
CA VAL A 150 38.25 8.78 -3.68
C VAL A 150 37.05 9.73 -3.57
N VAL A 151 36.42 9.74 -2.40
CA VAL A 151 35.25 10.56 -2.14
C VAL A 151 35.62 11.56 -1.05
N ALA A 152 35.53 12.85 -1.36
CA ALA A 152 35.80 13.88 -0.39
C ALA A 152 34.74 13.89 0.70
N ARG A 153 35.12 14.38 1.88
CA ARG A 153 34.20 14.45 3.01
C ARG A 153 34.37 15.79 3.71
N GLU A 154 33.27 16.53 3.82
CA GLU A 154 33.25 17.72 4.64
C GLU A 154 33.30 17.35 6.12
N ALA A 155 33.77 18.29 6.93
CA ALA A 155 33.89 18.03 8.36
C ALA A 155 32.57 17.52 8.95
N ARG A 156 31.44 18.07 8.47
CA ARG A 156 30.15 17.70 9.03
C ARG A 156 29.73 16.29 8.65
N ARG A 157 30.36 15.69 7.66
CA ARG A 157 30.01 14.36 7.18
C ARG A 157 31.18 13.39 7.34
N GLY A 158 31.91 13.52 8.45
CA GLY A 158 33.00 12.62 8.76
C GLY A 158 34.36 13.04 8.26
N GLY A 159 34.47 14.21 7.63
CA GLY A 159 35.73 14.70 7.12
C GLY A 159 36.63 15.20 8.24
N PRO A 160 37.70 15.92 7.88
CA PRO A 160 38.07 16.32 6.52
C PRO A 160 38.82 15.25 5.73
N THR A 161 39.16 14.15 6.38
CA THR A 161 39.88 13.09 5.67
C THR A 161 38.96 12.44 4.64
N PRO A 162 39.48 12.12 3.46
CA PRO A 162 38.61 11.55 2.41
C PRO A 162 38.26 10.09 2.70
N LEU A 163 37.31 9.59 1.93
CA LEU A 163 36.84 8.21 2.02
C LEU A 163 37.13 7.50 0.71
N THR A 164 37.82 6.37 0.80
CA THR A 164 38.15 5.56 -0.37
C THR A 164 37.25 4.33 -0.38
N LEU A 165 36.54 4.14 -1.48
CA LEU A 165 35.52 3.09 -1.60
C LEU A 165 35.74 2.31 -2.88
N GLY A 166 35.07 1.16 -2.95
CA GLY A 166 35.06 0.35 -4.14
C GLY A 166 35.73 -1.00 -3.94
N PRO A 167 35.36 -1.99 -4.76
CA PRO A 167 34.34 -1.91 -5.81
C PRO A 167 32.92 -2.01 -5.25
N LEU A 168 32.04 -1.13 -5.70
CA LEU A 168 30.67 -1.07 -5.21
C LEU A 168 29.74 -0.75 -6.38
N PRO A 169 28.47 -1.13 -6.28
CA PRO A 169 27.52 -0.79 -7.34
C PRO A 169 27.15 0.69 -7.28
N ALA A 170 27.18 1.35 -8.43
CA ALA A 170 26.75 2.73 -8.56
C ALA A 170 25.40 2.75 -9.26
N VAL A 171 24.41 3.36 -8.62
CA VAL A 171 23.06 3.45 -9.17
C VAL A 171 22.52 4.86 -8.95
N SER A 172 21.61 5.27 -9.83
CA SER A 172 20.91 6.53 -9.66
C SER A 172 19.87 6.39 -8.55
N GLU A 173 19.45 7.55 -8.02
CA GLU A 173 18.37 7.53 -7.04
C GLU A 173 17.07 7.07 -7.68
N ALA A 174 16.88 7.36 -8.96
CA ALA A 174 15.68 6.87 -9.66
C ALA A 174 15.58 5.36 -9.56
N GLN A 175 16.70 4.65 -9.74
CA GLN A 175 16.66 3.19 -9.63
C GLN A 175 16.57 2.75 -8.18
N ALA A 176 17.22 3.48 -7.26
CA ALA A 176 17.09 3.15 -5.85
C ALA A 176 15.63 3.20 -5.42
N ALA A 177 14.91 4.26 -5.80
CA ALA A 177 13.50 4.35 -5.46
C ALA A 177 12.70 3.23 -6.10
N ALA A 178 12.94 2.95 -7.38
CA ALA A 178 12.22 1.89 -8.07
C ALA A 178 12.46 0.54 -7.40
N SER A 179 13.69 0.29 -6.97
CA SER A 179 14.00 -0.99 -6.33
C SER A 179 13.21 -1.22 -5.05
N LEU A 180 12.57 -0.17 -4.50
CA LEU A 180 11.74 -0.29 -3.32
C LEU A 180 10.26 -0.09 -3.63
N GLY A 181 9.89 0.02 -4.90
CA GLY A 181 8.50 0.24 -5.25
C GLY A 181 8.01 1.64 -4.94
N LEU A 182 8.90 2.62 -4.99
CA LEU A 182 8.56 4.01 -4.71
C LEU A 182 8.60 4.83 -6.00
N GLY A 183 7.66 5.77 -6.13
CA GLY A 183 7.71 6.69 -7.24
C GLY A 183 8.88 7.63 -7.14
N TYR A 184 9.23 8.24 -8.28
CA TYR A 184 10.37 9.13 -8.34
C TYR A 184 10.10 10.24 -9.33
N LEU A 185 10.33 11.49 -8.91
CA LEU A 185 10.26 12.65 -9.78
C LEU A 185 11.50 13.50 -9.54
N ARG A 186 12.14 13.92 -10.63
CA ARG A 186 13.34 14.74 -10.56
C ARG A 186 13.01 16.15 -11.04
N LEU A 187 13.35 17.14 -10.21
CA LEU A 187 13.18 18.56 -10.55
C LEU A 187 14.50 19.26 -10.27
N ALA A 188 15.13 19.80 -11.30
CA ALA A 188 16.47 20.36 -11.19
C ALA A 188 16.37 21.76 -10.60
N VAL A 189 16.72 21.89 -9.32
CA VAL A 189 16.74 23.17 -8.63
C VAL A 189 18.15 23.40 -8.11
N SER A 190 18.69 24.60 -8.35
CA SER A 190 20.04 24.94 -7.92
C SER A 190 20.08 25.18 -6.42
N ASP A 191 21.17 24.74 -5.79
CA ASP A 191 21.36 24.98 -4.37
C ASP A 191 21.30 26.47 -4.06
N HIS A 192 20.68 26.83 -2.95
CA HIS A 192 20.55 28.19 -2.46
C HIS A 192 19.66 29.06 -3.33
N THR A 193 18.92 28.46 -4.26
CA THR A 193 18.22 29.21 -5.30
C THR A 193 16.75 28.76 -5.37
N ARG A 194 15.89 29.69 -5.79
CA ARG A 194 14.51 29.37 -6.07
C ARG A 194 14.43 28.40 -7.25
N PRO A 195 13.30 27.72 -7.41
CA PRO A 195 13.10 26.92 -8.63
C PRO A 195 12.76 27.81 -9.82
N ASP A 196 13.23 27.40 -10.99
CA ASP A 196 12.93 28.14 -12.21
C ASP A 196 11.44 28.08 -12.51
N ASP A 197 10.96 29.06 -13.29
CA ASP A 197 9.55 29.09 -13.65
C ASP A 197 9.13 27.79 -14.32
N ALA A 198 9.98 27.23 -15.19
CA ALA A 198 9.63 25.98 -15.86
C ALA A 198 9.51 24.84 -14.86
N VAL A 199 10.29 24.86 -13.79
CA VAL A 199 10.17 23.83 -12.75
C VAL A 199 8.88 24.02 -11.96
N VAL A 200 8.57 25.27 -11.60
CA VAL A 200 7.33 25.54 -10.89
C VAL A 200 6.13 25.09 -11.71
N GLU A 201 6.13 25.41 -13.01
CA GLU A 201 5.03 25.01 -13.88
C GLU A 201 4.91 23.50 -13.92
N ARG A 202 6.03 22.80 -14.11
CA ARG A 202 5.98 21.34 -14.18
C ARG A 202 5.48 20.75 -12.87
N PHE A 203 5.88 21.33 -11.73
CA PHE A 203 5.42 20.78 -10.46
C PHE A 203 3.94 21.05 -10.23
N VAL A 204 3.47 22.26 -10.56
CA VAL A 204 2.06 22.58 -10.38
C VAL A 204 1.20 21.62 -11.19
N ARG A 205 1.57 21.39 -12.45
CA ARG A 205 0.86 20.41 -13.26
C ARG A 205 0.96 19.03 -12.65
N PHE A 206 2.15 18.64 -12.19
CA PHE A 206 2.31 17.37 -11.50
C PHE A 206 1.37 17.28 -10.30
N SER A 207 1.33 18.34 -9.49
CA SER A 207 0.47 18.32 -8.31
C SER A 207 -0.99 18.10 -8.69
N ARG A 208 -1.47 18.81 -9.72
CA ARG A 208 -2.86 18.67 -10.12
C ARG A 208 -3.18 17.26 -10.58
N SER A 209 -2.20 16.55 -11.13
CA SER A 209 -2.45 15.22 -11.69
C SER A 209 -2.49 14.13 -10.63
N LEU A 210 -2.16 14.43 -9.38
CA LEU A 210 -2.02 13.40 -8.37
C LEU A 210 -3.38 12.91 -7.90
N PRO A 211 -3.62 11.61 -7.85
CA PRO A 211 -4.80 11.10 -7.16
C PRO A 211 -4.75 11.46 -5.69
N PRO A 212 -5.90 11.43 -5.00
CA PRO A 212 -5.92 11.92 -3.61
C PRO A 212 -5.08 11.10 -2.64
N ASP A 213 -4.55 9.94 -3.04
CA ASP A 213 -3.84 9.06 -2.13
C ASP A 213 -2.33 9.13 -2.29
N VAL A 214 -1.82 9.94 -3.22
CA VAL A 214 -0.39 9.99 -3.48
C VAL A 214 0.29 10.87 -2.44
N TRP A 215 1.41 10.40 -1.90
CA TRP A 215 2.18 11.10 -0.89
C TRP A 215 3.51 11.55 -1.51
N LEU A 216 3.90 12.80 -1.22
CA LEU A 216 5.13 13.38 -1.75
C LEU A 216 6.14 13.54 -0.63
N HIS A 217 7.34 12.98 -0.83
CA HIS A 217 8.46 13.19 0.08
C HIS A 217 9.54 13.96 -0.69
N PHE A 218 9.70 15.23 -0.35
CA PHE A 218 10.73 16.04 -0.97
C PHE A 218 12.07 15.84 -0.27
N HIS A 219 13.15 16.05 -1.02
CA HIS A 219 14.47 16.07 -0.42
C HIS A 219 15.43 16.83 -1.32
N SER A 220 16.41 17.44 -0.69
CA SER A 220 17.52 18.11 -1.38
C SER A 220 18.82 17.49 -0.87
N ARG A 221 19.87 18.29 -0.69
CA ARG A 221 21.06 17.76 -0.04
C ARG A 221 20.94 17.86 1.48
N GLY A 222 20.52 19.02 1.98
CA GLY A 222 20.42 19.25 3.41
C GLY A 222 19.00 19.30 3.92
N GLY A 223 18.02 19.12 3.02
CA GLY A 223 16.64 19.16 3.44
C GLY A 223 16.19 20.47 4.02
N ALA A 224 16.86 21.58 3.67
CA ALA A 224 16.54 22.88 4.23
C ALA A 224 15.93 23.73 3.13
N GLY A 225 16.69 24.64 2.51
CA GLY A 225 16.14 25.59 1.57
C GLY A 225 15.24 25.00 0.49
N ARG A 226 15.80 24.13 -0.34
CA ARG A 226 15.04 23.61 -1.48
C ARG A 226 13.88 22.74 -1.01
N THR A 227 14.12 21.85 -0.04
CA THR A 227 13.05 21.00 0.46
C THR A 227 11.95 21.83 1.09
N THR A 228 12.33 22.79 1.95
CA THR A 228 11.33 23.61 2.63
C THR A 228 10.56 24.48 1.63
N THR A 229 11.21 24.92 0.55
CA THR A 229 10.51 25.70 -0.45
C THR A 229 9.36 24.92 -1.05
N PHE A 230 9.58 23.64 -1.37
CA PHE A 230 8.54 22.88 -2.08
C PHE A 230 7.47 22.36 -1.13
N MET A 231 7.84 22.00 0.11
CA MET A 231 6.81 21.76 1.11
C MET A 231 5.93 23.00 1.27
N THR A 232 6.54 24.19 1.19
CA THR A 232 5.77 25.42 1.27
C THR A 232 4.86 25.59 0.05
N LEU A 233 5.36 25.26 -1.15
CA LEU A 233 4.52 25.31 -2.34
C LEU A 233 3.32 24.39 -2.20
N VAL A 234 3.56 23.16 -1.72
CA VAL A 234 2.45 22.25 -1.45
C VAL A 234 1.49 22.85 -0.45
N ASP A 235 2.03 23.45 0.62
CA ASP A 235 1.18 24.07 1.64
C ASP A 235 0.33 25.18 1.02
N MET A 236 0.96 26.05 0.22
CA MET A 236 0.23 27.16 -0.37
C MET A 236 -0.83 26.67 -1.35
N LEU A 237 -0.51 25.68 -2.17
CA LEU A 237 -1.47 25.19 -3.16
C LEU A 237 -2.77 24.73 -2.50
N ARG A 238 -2.71 24.31 -1.24
CA ARG A 238 -3.89 23.84 -0.52
C ARG A 238 -4.50 24.91 0.38
N ASN A 239 -3.68 25.75 0.99
CA ASN A 239 -4.11 26.56 2.12
C ASN A 239 -3.96 28.06 1.94
N ALA A 240 -3.35 28.53 0.85
CA ALA A 240 -3.15 29.95 0.66
C ALA A 240 -4.45 30.76 0.79
N PRO A 241 -5.60 30.29 0.30
CA PRO A 241 -6.83 31.10 0.46
C PRO A 241 -7.30 31.22 1.90
N SER A 242 -6.79 30.39 2.82
CA SER A 242 -7.31 30.34 4.18
C SER A 242 -6.27 30.57 5.26
N VAL A 243 -4.98 30.55 4.93
CA VAL A 243 -3.91 30.70 5.90
C VAL A 243 -2.97 31.80 5.43
N ALA A 244 -2.54 32.65 6.37
CA ALA A 244 -1.71 33.78 6.04
C ALA A 244 -0.34 33.33 5.56
N PHE A 245 0.26 34.15 4.68
CA PHE A 245 1.58 33.85 4.16
C PHE A 245 2.58 33.61 5.29
N GLU A 246 2.56 34.47 6.30
CA GLU A 246 3.54 34.35 7.38
C GLU A 246 3.32 33.08 8.20
N ASP A 247 2.08 32.61 8.32
CA ASP A 247 1.82 31.39 9.07
C ASP A 247 2.35 30.16 8.32
N ILE A 248 2.20 30.15 6.99
CA ILE A 248 2.70 29.02 6.21
C ILE A 248 4.23 28.97 6.29
N ILE A 249 4.88 30.12 6.12
CA ILE A 249 6.35 30.15 6.20
C ILE A 249 6.81 29.72 7.58
N ALA A 250 6.12 30.19 8.63
CA ALA A 250 6.58 29.92 9.99
C ALA A 250 6.37 28.46 10.38
N ARG A 251 5.26 27.86 9.95
CA ARG A 251 4.97 26.50 10.36
C ARG A 251 5.83 25.49 9.60
N GLN A 252 6.21 25.79 8.36
CA GLN A 252 7.16 24.92 7.67
C GLN A 252 8.53 24.98 8.31
N LYS A 253 8.88 26.12 8.92
CA LYS A 253 10.09 26.19 9.74
C LYS A 253 9.90 25.40 11.03
N ALA A 254 8.76 25.60 11.71
CA ALA A 254 8.52 24.93 12.98
C ALA A 254 8.42 23.42 12.82
N LEU A 255 8.04 22.94 11.64
CA LEU A 255 7.98 21.51 11.40
C LEU A 255 9.36 20.87 11.39
N GLY A 256 10.42 21.65 11.16
CA GLY A 256 11.77 21.12 11.07
C GLY A 256 12.51 21.60 9.84
N GLY A 257 11.85 22.41 9.01
CA GLY A 257 12.49 23.00 7.85
C GLY A 257 13.29 24.24 8.23
N SER A 258 13.77 24.93 7.21
CA SER A 258 14.49 26.17 7.42
C SER A 258 13.54 27.36 7.39
N ASP A 259 14.07 28.53 7.74
CA ASP A 259 13.30 29.77 7.77
C ASP A 259 13.52 30.48 6.44
N LEU A 260 12.54 30.36 5.54
CA LEU A 260 12.66 30.98 4.22
C LEU A 260 12.52 32.49 4.29
N ALA A 261 12.06 33.05 5.40
CA ALA A 261 11.98 34.48 5.59
C ALA A 261 13.22 35.07 6.25
N LYS A 262 14.22 34.25 6.55
CA LYS A 262 15.45 34.72 7.17
C LYS A 262 16.34 35.42 6.14
N ALA A 268 27.65 37.64 3.25
CA ALA A 268 27.39 36.84 2.05
C ALA A 268 26.33 37.51 1.18
N PRO A 269 26.70 38.61 0.54
CA PRO A 269 25.70 39.35 -0.27
C PRO A 269 25.12 38.55 -1.42
N GLY A 270 25.93 37.76 -2.11
CA GLY A 270 25.40 36.95 -3.19
C GLY A 270 24.41 35.91 -2.69
N ARG A 271 24.69 35.33 -1.53
CA ARG A 271 23.77 34.36 -0.94
C ARG A 271 22.48 35.05 -0.48
N ASP A 272 22.60 36.26 0.09
CA ASP A 272 21.42 36.98 0.53
C ASP A 272 20.53 37.40 -0.64
N ALA A 273 21.15 37.76 -1.76
CA ALA A 273 20.36 38.14 -2.93
C ALA A 273 19.48 36.98 -3.40
N LEU A 274 20.05 35.77 -3.46
CA LEU A 274 19.26 34.61 -3.84
C LEU A 274 18.13 34.36 -2.84
N ALA A 275 18.41 34.51 -1.55
CA ALA A 275 17.36 34.33 -0.55
C ALA A 275 16.27 35.37 -0.70
N ARG A 276 16.64 36.61 -1.03
CA ARG A 276 15.63 37.64 -1.27
C ARG A 276 14.81 37.32 -2.51
N GLN A 277 15.48 36.90 -3.60
CA GLN A 277 14.76 36.49 -4.80
C GLN A 277 13.81 35.34 -4.50
N ARG A 278 14.23 34.41 -3.63
CA ARG A 278 13.38 33.27 -3.31
C ARG A 278 12.15 33.71 -2.53
N LEU A 279 12.34 34.56 -1.52
CA LEU A 279 11.21 35.03 -0.74
C LEU A 279 10.24 35.84 -1.60
N GLU A 280 10.76 36.68 -2.48
CA GLU A 280 9.90 37.38 -3.43
C GLU A 280 9.09 36.40 -4.27
N PHE A 281 9.73 35.33 -4.73
CA PHE A 281 9.02 34.31 -5.49
C PHE A 281 7.91 33.67 -4.66
N LEU A 282 8.20 33.38 -3.38
CA LEU A 282 7.21 32.74 -2.53
C LEU A 282 6.01 33.65 -2.28
N ARG A 283 6.26 34.96 -2.14
CA ARG A 283 5.16 35.90 -2.02
C ARG A 283 4.32 35.92 -3.29
N ARG A 284 4.96 35.88 -4.45
CA ARG A 284 4.23 35.90 -5.71
C ARG A 284 3.47 34.60 -5.91
N PHE A 285 4.07 33.47 -5.55
CA PHE A 285 3.38 32.18 -5.65
C PHE A 285 2.20 32.12 -4.70
N TYR A 286 2.35 32.70 -3.51
CA TYR A 286 1.24 32.79 -2.57
C TYR A 286 0.04 33.47 -3.22
N GLU A 287 0.27 34.62 -3.85
CA GLU A 287 -0.81 35.30 -4.56
C GLU A 287 -1.38 34.42 -5.66
N TYR A 288 -0.49 33.74 -6.41
CA TYR A 288 -0.96 32.81 -7.43
C TYR A 288 -1.88 31.75 -6.83
N ALA A 289 -1.46 31.14 -5.72
CA ALA A 289 -2.23 30.06 -5.11
C ALA A 289 -3.56 30.57 -4.56
N ARG A 290 -3.59 31.80 -4.05
CA ARG A 290 -4.85 32.37 -3.59
C ARG A 290 -5.85 32.48 -4.73
N ALA A 291 -5.39 32.95 -5.89
CA ALA A 291 -6.28 33.14 -7.03
C ALA A 291 -6.58 31.85 -7.77
N ASN A 292 -5.72 30.84 -7.65
CA ASN A 292 -5.89 29.56 -8.34
C ASN A 292 -5.71 28.43 -7.34
N PRO A 293 -6.69 28.20 -6.48
CA PRO A 293 -6.58 27.12 -5.50
C PRO A 293 -6.22 25.79 -6.16
N GLY A 294 -5.22 25.13 -5.59
CA GLY A 294 -4.79 23.84 -6.09
C GLY A 294 -4.17 23.86 -7.46
N GLY A 295 -3.79 25.03 -7.97
CA GLY A 295 -3.20 25.14 -9.28
C GLY A 295 -4.18 25.30 -10.42
N ALA A 296 -5.44 25.61 -10.12
CA ALA A 296 -6.48 25.77 -11.13
C ALA A 296 -7.30 27.01 -10.80
N PRO A 297 -7.94 27.64 -11.80
CA PRO A 297 -8.00 27.21 -13.21
C PRO A 297 -6.75 27.51 -14.04
N LEU A 298 -5.90 28.41 -13.57
CA LEU A 298 -4.73 28.82 -14.32
C LEU A 298 -3.46 28.20 -13.74
N GLY A 299 -2.51 27.91 -14.63
CA GLY A 299 -1.18 27.48 -14.22
C GLY A 299 -0.29 28.66 -13.88
N TRP A 300 0.93 28.32 -13.46
CA TRP A 300 1.87 29.33 -12.99
C TRP A 300 2.30 30.26 -14.13
N THR A 301 2.69 29.67 -15.27
CA THR A 301 3.15 30.50 -16.39
C THR A 301 2.00 31.28 -17.01
N ALA A 302 0.81 30.68 -17.10
CA ALA A 302 -0.34 31.39 -17.65
C ALA A 302 -0.74 32.55 -16.73
N TRP A 303 -0.70 32.33 -15.42
CA TRP A 303 -1.01 33.40 -14.49
C TRP A 303 0.00 34.54 -14.62
N LEU A 304 1.28 34.21 -14.79
CA LEU A 304 2.28 35.25 -14.99
C LEU A 304 2.07 35.98 -16.31
N ALA A 305 1.69 35.24 -17.36
CA ALA A 305 1.50 35.85 -18.67
C ALA A 305 0.37 36.86 -18.64
N GLY A 306 -0.69 36.59 -17.88
CA GLY A 306 -1.81 37.49 -17.74
C GLY A 306 -1.58 38.67 -16.83
N GLY A 307 -0.33 38.92 -16.43
CA GLY A 307 -0.04 40.04 -15.56
C GLY A 307 -0.41 39.82 -14.11
N ALA A 308 -0.49 38.56 -13.66
CA ALA A 308 -0.91 38.26 -12.30
C ALA A 308 -2.26 38.91 -12.01
N LYS A 309 -3.34 38.29 -12.50
CA LYS A 309 -4.68 38.85 -12.40
C LYS A 309 -4.79 40.12 -13.22
N ASP B 30 -26.36 -2.66 35.06
CA ASP B 30 -25.66 -1.39 34.93
C ASP B 30 -24.60 -1.45 33.84
N VAL B 31 -24.92 -0.88 32.67
CA VAL B 31 -24.00 -0.89 31.53
C VAL B 31 -23.20 0.39 31.42
N GLY B 32 -23.45 1.40 32.26
CA GLY B 32 -22.66 2.61 32.29
C GLY B 32 -23.36 3.77 31.61
N VAL B 33 -22.72 4.92 31.69
CA VAL B 33 -23.23 6.15 31.10
C VAL B 33 -22.64 6.31 29.71
N LEU B 34 -23.51 6.46 28.71
CA LEU B 34 -23.05 6.75 27.36
C LEU B 34 -22.35 8.11 27.34
N THR B 35 -21.07 8.10 26.97
CA THR B 35 -20.22 9.28 27.11
C THR B 35 -19.44 9.52 25.83
N LEU B 36 -19.10 10.79 25.60
CA LEU B 36 -18.37 11.17 24.40
C LEU B 36 -16.87 10.94 24.61
N ASP B 37 -16.24 10.28 23.64
CA ASP B 37 -14.79 10.13 23.62
C ASP B 37 -14.15 11.22 22.77
N ALA B 38 -14.69 11.46 21.58
CA ALA B 38 -14.14 12.46 20.67
C ALA B 38 -15.25 12.91 19.74
N PRO B 39 -15.50 14.22 19.62
CA PRO B 39 -16.57 14.68 18.73
C PRO B 39 -16.23 14.42 17.27
N ALA B 40 -17.28 14.31 16.46
CA ALA B 40 -17.10 14.02 15.04
C ALA B 40 -16.17 15.04 14.38
N ALA B 41 -16.16 16.27 14.86
CA ALA B 41 -15.38 17.33 14.25
C ALA B 41 -13.89 17.25 14.60
N SER B 42 -13.51 16.45 15.58
CA SER B 42 -12.10 16.34 15.94
C SER B 42 -11.31 15.70 14.80
N ALA B 43 -10.07 16.15 14.63
CA ALA B 43 -9.20 15.65 13.58
C ALA B 43 -8.14 14.72 14.16
N LEU B 44 -6.87 15.08 14.05
CA LEU B 44 -5.80 14.24 14.57
C LEU B 44 -6.02 14.02 16.07
N PRO B 45 -6.13 12.78 16.53
CA PRO B 45 -6.40 12.56 17.96
C PRO B 45 -5.25 13.05 18.83
N HIS B 46 -5.60 13.35 20.08
CA HIS B 46 -4.61 13.79 21.06
C HIS B 46 -3.59 12.67 21.31
N ARG B 47 -2.37 13.08 21.60
CA ARG B 47 -1.27 12.17 21.93
C ARG B 47 -0.89 11.27 20.76
N PHE B 48 -1.13 11.71 19.53
CA PHE B 48 -0.68 10.95 18.37
C PHE B 48 0.84 11.03 18.25
N ARG B 49 1.48 9.89 18.04
CA ARG B 49 2.91 9.86 17.79
C ARG B 49 3.27 8.54 17.14
N THR B 50 4.32 8.57 16.33
CA THR B 50 4.90 7.38 15.74
C THR B 50 6.32 7.21 16.28
N CYS B 51 6.89 6.03 16.03
CA CYS B 51 8.27 5.77 16.46
C CYS B 51 9.29 6.61 15.71
N PHE B 52 8.87 7.40 14.71
CA PHE B 52 9.75 8.33 14.01
C PHE B 52 9.70 9.74 14.57
N PHE B 53 8.81 10.01 15.53
CA PHE B 53 8.68 11.35 16.06
C PHE B 53 9.92 11.74 16.86
N PRO B 54 10.18 13.03 16.99
CA PRO B 54 11.32 13.46 17.81
C PRO B 54 11.05 13.24 19.30
N LEU B 55 12.14 13.05 20.04
CA LEU B 55 12.08 12.87 21.49
C LEU B 55 12.20 14.22 22.18
N THR B 56 11.26 14.51 23.08
CA THR B 56 11.29 15.72 23.88
C THR B 56 11.82 15.38 25.26
N ALA B 57 12.95 15.99 25.62
CA ALA B 57 13.59 15.73 26.92
C ALA B 57 12.73 16.27 28.06
N ALA B 62 17.44 15.52 29.87
CA ALA B 62 18.16 14.31 29.48
C ALA B 62 17.40 13.60 28.37
N VAL B 63 18.12 12.80 27.57
CA VAL B 63 17.52 12.06 26.46
C VAL B 63 17.97 10.61 26.54
N PRO B 64 17.05 9.65 26.49
CA PRO B 64 17.45 8.24 26.54
C PRO B 64 17.98 7.74 25.19
N SER B 65 18.54 6.54 25.23
CA SER B 65 19.04 5.92 24.01
C SER B 65 17.93 5.77 22.98
N ARG B 66 18.29 5.92 21.70
CA ARG B 66 17.35 5.80 20.59
C ARG B 66 17.56 4.52 19.79
N GLU B 67 18.48 3.65 20.20
CA GLU B 67 18.81 2.47 19.41
C GLU B 67 17.58 1.58 19.24
N GLY B 68 17.28 1.27 17.98
CA GLY B 68 16.18 0.38 17.66
C GLY B 68 14.79 0.98 17.78
N LEU B 69 14.70 2.30 17.99
CA LEU B 69 13.39 2.93 18.17
C LEU B 69 12.70 3.18 16.83
N ASN B 70 13.43 3.76 15.87
CA ASN B 70 12.81 4.15 14.61
C ASN B 70 12.24 2.96 13.84
N GLY B 71 12.81 1.78 14.02
CA GLY B 71 12.43 0.64 13.21
C GLY B 71 11.35 -0.25 13.80
N LEU B 72 10.64 0.25 14.81
CA LEU B 72 9.66 -0.58 15.53
C LEU B 72 8.35 -0.76 14.75
N ARG B 73 8.09 0.05 13.74
CA ARG B 73 6.83 0.00 13.00
CA ARG B 73 6.83 0.00 13.00
C ARG B 73 5.63 0.09 13.95
N VAL B 74 5.63 1.13 14.77
CA VAL B 74 4.59 1.29 15.77
C VAL B 74 4.25 2.77 15.94
N SER B 75 2.98 3.03 16.23
CA SER B 75 2.50 4.36 16.57
C SER B 75 1.39 4.21 17.59
N GLY B 76 0.93 5.34 18.11
CA GLY B 76 -0.12 5.33 19.12
C GLY B 76 -0.84 6.66 19.19
N SER B 77 -2.02 6.63 19.79
CA SER B 77 -2.82 7.84 19.92
C SER B 77 -3.96 7.57 20.90
N SER B 78 -4.67 8.64 21.25
CA SER B 78 -5.92 8.54 21.99
C SER B 78 -7.03 8.11 21.04
N GLN B 79 -8.24 8.01 21.57
CA GLN B 79 -9.39 7.62 20.75
C GLN B 79 -9.66 8.68 19.69
N PHE B 80 -9.91 8.20 18.47
CA PHE B 80 -10.10 9.06 17.32
C PHE B 80 -11.57 9.10 16.91
N SER B 81 -11.97 10.18 16.26
CA SER B 81 -13.22 10.20 15.53
C SER B 81 -13.07 9.45 14.21
N LEU B 82 -14.18 9.28 13.49
CA LEU B 82 -14.07 8.68 12.17
C LEU B 82 -13.21 9.54 11.26
N ALA B 83 -13.42 10.86 11.29
CA ALA B 83 -12.59 11.76 10.49
C ALA B 83 -11.13 11.67 10.92
N GLY B 84 -10.88 11.53 12.22
CA GLY B 84 -9.50 11.42 12.68
C GLY B 84 -8.83 10.15 12.18
N LEU B 85 -9.58 9.05 12.11
CA LEU B 85 -9.02 7.82 11.56
C LEU B 85 -8.67 7.99 10.09
N ALA B 86 -9.56 8.60 9.32
CA ALA B 86 -9.29 8.83 7.90
C ALA B 86 -8.07 9.72 7.72
N LEU B 87 -7.91 10.72 8.60
CA LEU B 87 -6.73 11.58 8.51
C LEU B 87 -5.46 10.79 8.81
N MET B 88 -5.46 10.01 9.89
CA MET B 88 -4.29 9.20 10.19
C MET B 88 -3.96 8.24 9.05
N ARG B 89 -4.98 7.74 8.36
CA ARG B 89 -4.73 6.77 7.29
C ARG B 89 -3.90 7.39 6.17
N GLU B 90 -3.99 8.71 5.98
CA GLU B 90 -3.22 9.36 4.92
C GLU B 90 -1.73 9.12 5.09
N GLN B 91 -1.28 8.90 6.33
CA GLN B 91 0.13 8.66 6.60
C GLN B 91 0.41 7.27 7.15
N PHE B 92 -0.60 6.40 7.22
CA PHE B 92 -0.35 5.01 7.59
C PHE B 92 0.35 4.29 6.45
N PRO B 93 1.32 3.43 6.74
CA PRO B 93 1.95 2.62 5.68
C PRO B 93 1.01 1.52 5.21
N PRO B 94 1.38 0.81 4.15
CA PRO B 94 0.57 -0.35 3.75
C PRO B 94 0.56 -1.39 4.85
N ARG B 95 -0.57 -2.10 4.95
CA ARG B 95 -0.70 -3.21 5.90
C ARG B 95 -0.58 -2.71 7.35
N ALA B 96 -1.35 -1.68 7.67
CA ALA B 96 -1.39 -1.14 9.02
C ALA B 96 -2.57 -1.74 9.79
N VAL B 97 -2.39 -1.86 11.10
CA VAL B 97 -3.37 -2.50 11.98
C VAL B 97 -3.72 -1.54 13.13
N ILE B 98 -5.01 -1.31 13.32
CA ILE B 98 -5.50 -0.59 14.49
C ILE B 98 -5.66 -1.60 15.62
N VAL B 99 -4.89 -1.44 16.68
CA VAL B 99 -4.97 -2.30 17.85
C VAL B 99 -5.75 -1.54 18.92
N ASP B 100 -7.00 -1.98 19.14
CA ASP B 100 -7.90 -1.37 20.10
C ASP B 100 -7.71 -2.06 21.45
N LEU B 101 -7.27 -1.29 22.45
CA LEU B 101 -6.92 -1.83 23.76
C LEU B 101 -8.01 -1.63 24.80
N ARG B 102 -9.20 -1.19 24.39
CA ARG B 102 -10.24 -0.76 25.33
C ARG B 102 -11.11 -1.95 25.70
N ARG B 103 -11.06 -2.36 26.97
CA ARG B 103 -11.99 -3.37 27.46
C ARG B 103 -13.41 -2.82 27.56
N GLU B 104 -13.55 -1.52 27.80
CA GLU B 104 -14.87 -0.92 27.89
C GLU B 104 -15.55 -0.94 26.52
N SER B 105 -16.88 -1.07 26.55
CA SER B 105 -17.65 -1.04 25.32
C SER B 105 -17.63 0.36 24.72
N HIS B 106 -17.43 0.42 23.41
CA HIS B 106 -17.35 1.71 22.73
C HIS B 106 -17.58 1.51 21.24
N GLY B 107 -17.65 2.63 20.53
CA GLY B 107 -17.89 2.60 19.10
C GLY B 107 -18.05 3.99 18.56
N PHE B 108 -18.87 4.11 17.51
CA PHE B 108 -19.10 5.38 16.85
C PHE B 108 -20.59 5.58 16.65
N LEU B 109 -21.05 6.80 16.94
CA LEU B 109 -22.40 7.26 16.61
C LEU B 109 -22.20 8.41 15.62
N GLY B 110 -22.42 8.15 14.35
CA GLY B 110 -21.93 9.06 13.33
C GLY B 110 -20.41 9.07 13.37
N GLY B 111 -19.82 10.25 13.20
CA GLY B 111 -18.39 10.39 13.36
C GLY B 111 -17.91 10.48 14.79
N ASN B 112 -18.84 10.54 15.75
CA ASN B 112 -18.49 10.72 17.15
C ASN B 112 -18.03 9.41 17.76
N ALA B 113 -16.86 9.42 18.39
CA ALA B 113 -16.42 8.29 19.18
C ALA B 113 -17.11 8.36 20.55
N VAL B 114 -17.84 7.32 20.90
CA VAL B 114 -18.59 7.26 22.14
C VAL B 114 -18.28 5.95 22.85
N SER B 115 -18.56 5.92 24.16
CA SER B 115 -18.31 4.73 24.96
C SER B 115 -19.27 4.71 26.14
N TRP B 116 -19.40 3.53 26.74
CA TRP B 116 -20.23 3.32 27.93
C TRP B 116 -19.31 3.26 29.14
N ARG B 117 -19.38 4.28 29.98
CA ARG B 117 -18.44 4.47 31.08
C ARG B 117 -19.09 4.06 32.40
N LEU B 118 -18.52 3.05 33.05
CA LEU B 118 -18.84 2.73 34.43
C LEU B 118 -17.91 3.50 35.36
N PRO B 119 -18.16 3.46 36.67
CA PRO B 119 -17.24 4.12 37.61
C PRO B 119 -15.80 3.69 37.37
N ASP B 120 -14.90 4.67 37.30
CA ASP B 120 -13.49 4.44 37.00
C ASP B 120 -13.30 3.83 35.61
N ASN B 121 -14.33 3.92 34.76
CA ASN B 121 -14.26 3.39 33.40
C ASN B 121 -13.88 1.92 33.38
N GLN B 122 -14.46 1.16 34.31
CA GLN B 122 -14.17 -0.27 34.45
C GLN B 122 -15.26 -1.11 33.80
N GLY B 123 -15.62 -0.78 32.56
CA GLY B 123 -16.63 -1.56 31.86
C GLY B 123 -16.14 -2.95 31.53
N ASN B 124 -17.09 -3.87 31.39
CA ASN B 124 -16.81 -5.26 31.03
C ASN B 124 -15.67 -5.84 31.88
N PRO B 125 -15.68 -5.63 33.20
CA PRO B 125 -14.52 -6.02 34.00
C PRO B 125 -14.21 -7.50 33.87
N GLY B 126 -12.92 -7.80 33.69
CA GLY B 126 -12.48 -9.18 33.57
C GLY B 126 -12.89 -9.90 32.31
N ARG B 127 -13.53 -9.21 31.38
CA ARG B 127 -14.01 -9.84 30.15
C ARG B 127 -12.96 -9.77 29.05
N ASP B 128 -12.91 -10.80 28.21
CA ASP B 128 -12.00 -10.83 27.09
C ASP B 128 -12.63 -10.16 25.87
N ALA B 129 -11.83 -10.02 24.81
CA ALA B 129 -12.27 -9.27 23.63
C ALA B 129 -13.47 -9.92 22.96
N ALA B 130 -13.60 -11.24 23.04
CA ALA B 130 -14.74 -11.90 22.41
C ALA B 130 -16.04 -11.54 23.11
N PHE B 131 -16.04 -11.52 24.44
CA PHE B 131 -17.22 -11.09 25.19
C PHE B 131 -17.51 -9.62 24.94
N VAL B 132 -16.47 -8.78 24.99
CA VAL B 132 -16.68 -7.34 24.86
C VAL B 132 -17.28 -7.02 23.49
N ALA B 133 -16.71 -7.62 22.44
CA ALA B 133 -17.18 -7.32 21.08
C ALA B 133 -18.68 -7.58 20.94
N GLU B 134 -19.17 -8.69 21.51
CA GLU B 134 -20.58 -9.00 21.40
C GLU B 134 -21.42 -8.06 22.25
N ALA B 135 -20.97 -7.77 23.47
CA ALA B 135 -21.73 -6.89 24.35
C ALA B 135 -21.87 -5.50 23.75
N GLU B 136 -20.77 -4.93 23.25
CA GLU B 136 -20.83 -3.57 22.72
C GLU B 136 -21.61 -3.54 21.41
N ALA B 137 -21.61 -4.64 20.65
CA ALA B 137 -22.39 -4.68 19.42
C ALA B 137 -23.88 -4.47 19.72
N ALA B 138 -24.38 -5.09 20.78
CA ALA B 138 -25.78 -4.90 21.16
C ALA B 138 -26.03 -3.47 21.63
N LEU B 139 -25.09 -2.90 22.39
CA LEU B 139 -25.24 -1.51 22.82
C LEU B 139 -25.30 -0.56 21.64
N LEU B 140 -24.42 -0.76 20.64
CA LEU B 140 -24.44 0.09 19.46
C LEU B 140 -25.71 -0.11 18.65
N ALA B 141 -26.16 -1.36 18.53
CA ALA B 141 -27.38 -1.63 17.77
C ALA B 141 -28.57 -0.91 18.39
N ALA B 142 -28.58 -0.72 19.71
CA ALA B 142 -29.71 -0.09 20.39
C ALA B 142 -29.76 1.41 20.18
N ILE B 143 -28.69 2.04 19.72
CA ILE B 143 -28.66 3.47 19.45
C ILE B 143 -28.51 3.78 17.97
N ASP B 144 -28.54 2.75 17.12
CA ASP B 144 -28.33 2.96 15.69
C ASP B 144 -29.53 3.66 15.07
N GLU B 145 -29.27 4.78 14.39
CA GLU B 145 -30.28 5.50 13.61
C GLU B 145 -31.54 5.78 14.44
N ARG B 146 -31.33 6.27 15.65
CA ARG B 146 -32.41 6.68 16.53
C ARG B 146 -32.20 8.13 16.97
N PRO B 147 -33.27 8.91 17.09
CA PRO B 147 -33.11 10.29 17.56
C PRO B 147 -33.04 10.37 19.08
N ASP B 148 -32.62 11.54 19.55
CA ASP B 148 -32.64 11.87 20.98
C ASP B 148 -31.79 10.90 21.78
N ILE B 149 -30.57 10.66 21.30
CA ILE B 149 -29.58 9.87 22.04
C ILE B 149 -28.75 10.86 22.87
N VAL B 150 -28.86 10.75 24.19
CA VAL B 150 -28.19 11.68 25.10
C VAL B 150 -26.80 11.15 25.42
N VAL B 151 -25.78 11.92 25.09
CA VAL B 151 -24.39 11.55 25.30
C VAL B 151 -23.78 12.52 26.31
N ALA B 152 -23.34 12.00 27.45
CA ALA B 152 -22.69 12.83 28.45
C ALA B 152 -21.36 13.34 27.93
N ARG B 153 -20.95 14.49 28.44
CA ARG B 153 -19.69 15.12 28.04
C ARG B 153 -18.96 15.63 29.27
N GLU B 154 -17.72 15.18 29.44
CA GLU B 154 -16.85 15.74 30.46
C GLU B 154 -16.39 17.13 30.05
N ALA B 155 -15.99 17.92 31.04
CA ALA B 155 -15.59 19.30 30.77
C ALA B 155 -14.52 19.37 29.69
N ARG B 156 -13.55 18.45 29.74
CA ARG B 156 -12.45 18.48 28.78
C ARG B 156 -12.91 18.17 27.36
N ARG B 157 -14.09 17.58 27.19
CA ARG B 157 -14.59 17.15 25.88
C ARG B 157 -15.87 17.89 25.52
N GLY B 158 -15.94 19.17 25.88
CA GLY B 158 -17.07 20.00 25.52
C GLY B 158 -18.19 20.05 26.55
N GLY B 159 -18.02 19.38 27.70
CA GLY B 159 -19.02 19.39 28.72
C GLY B 159 -19.06 20.69 29.49
N PRO B 160 -19.77 20.72 30.63
CA PRO B 160 -20.48 19.59 31.24
C PRO B 160 -21.86 19.32 30.65
N THR B 161 -22.37 20.22 29.82
CA THR B 161 -23.68 20.03 29.24
C THR B 161 -23.66 18.82 28.31
N PRO B 162 -24.71 18.01 28.28
CA PRO B 162 -24.71 16.82 27.43
C PRO B 162 -24.89 17.18 25.96
N LEU B 163 -24.73 16.16 25.12
CA LEU B 163 -24.87 16.27 23.68
C LEU B 163 -25.96 15.32 23.22
N THR B 164 -26.96 15.86 22.53
CA THR B 164 -28.06 15.07 21.99
C THR B 164 -27.84 14.86 20.50
N LEU B 165 -27.86 13.59 20.08
CA LEU B 165 -27.54 13.21 18.71
C LEU B 165 -28.58 12.23 18.18
N GLY B 166 -28.60 12.10 16.86
CA GLY B 166 -29.44 11.13 16.21
C GLY B 166 -30.47 11.76 15.30
N PRO B 167 -30.96 11.00 14.30
CA PRO B 167 -30.53 9.63 13.99
C PRO B 167 -29.20 9.58 13.24
N LEU B 168 -28.30 8.71 13.68
CA LEU B 168 -26.99 8.55 13.08
C LEU B 168 -26.62 7.08 13.03
N PRO B 169 -25.76 6.68 12.09
CA PRO B 169 -25.33 5.28 12.05
C PRO B 169 -24.41 4.95 13.21
N ALA B 170 -24.70 3.84 13.88
CA ALA B 170 -23.87 3.32 14.96
C ALA B 170 -23.08 2.12 14.46
N VAL B 171 -21.75 2.20 14.54
CA VAL B 171 -20.88 1.14 14.05
C VAL B 171 -19.78 0.88 15.08
N SER B 172 -19.28 -0.34 15.07
CA SER B 172 -18.11 -0.70 15.87
C SER B 172 -16.85 -0.13 15.23
N GLU B 173 -15.80 -0.03 16.03
CA GLU B 173 -14.51 0.39 15.46
C GLU B 173 -13.97 -0.68 14.52
N ALA B 174 -14.28 -1.95 14.76
CA ALA B 174 -13.88 -2.99 13.84
C ALA B 174 -14.38 -2.70 12.44
N GLN B 175 -15.66 -2.32 12.31
CA GLN B 175 -16.19 -2.01 10.99
C GLN B 175 -15.63 -0.69 10.47
N ALA B 176 -15.43 0.29 11.36
CA ALA B 176 -14.82 1.55 10.94
C ALA B 176 -13.44 1.31 10.33
N ALA B 177 -12.63 0.46 10.97
CA ALA B 177 -11.32 0.14 10.42
C ALA B 177 -11.44 -0.59 9.10
N ALA B 178 -12.34 -1.57 9.02
CA ALA B 178 -12.49 -2.34 7.79
C ALA B 178 -12.97 -1.45 6.65
N SER B 179 -13.86 -0.51 6.94
CA SER B 179 -14.35 0.40 5.90
C SER B 179 -13.24 1.22 5.27
N LEU B 180 -12.06 1.28 5.89
CA LEU B 180 -10.91 2.00 5.34
C LEU B 180 -9.81 1.05 4.87
N GLY B 181 -10.08 -0.25 4.85
CA GLY B 181 -9.05 -1.20 4.47
C GLY B 181 -7.92 -1.32 5.46
N LEU B 182 -8.21 -1.16 6.74
CA LEU B 182 -7.21 -1.26 7.80
C LEU B 182 -7.48 -2.49 8.66
N GLY B 183 -6.41 -3.14 9.10
CA GLY B 183 -6.55 -4.25 10.02
C GLY B 183 -7.06 -3.79 11.37
N TYR B 184 -7.55 -4.76 12.15
CA TYR B 184 -8.13 -4.46 13.45
C TYR B 184 -7.91 -5.62 14.40
N LEU B 185 -7.36 -5.33 15.58
CA LEU B 185 -7.20 -6.32 16.64
C LEU B 185 -7.69 -5.70 17.94
N ARG B 186 -8.59 -6.41 18.62
CA ARG B 186 -9.14 -5.96 19.89
C ARG B 186 -8.51 -6.75 21.03
N LEU B 187 -8.00 -6.03 22.03
CA LEU B 187 -7.44 -6.62 23.24
C LEU B 187 -8.04 -5.89 24.44
N ALA B 188 -8.80 -6.61 25.26
CA ALA B 188 -9.53 -5.99 26.35
C ALA B 188 -8.59 -5.71 27.51
N VAL B 189 -8.23 -4.44 27.70
CA VAL B 189 -7.41 -4.00 28.81
C VAL B 189 -8.20 -2.98 29.63
N SER B 190 -8.27 -3.20 30.94
CA SER B 190 -9.00 -2.30 31.81
C SER B 190 -8.26 -0.96 31.93
N ASP B 191 -9.03 0.12 31.97
CA ASP B 191 -8.46 1.44 32.17
C ASP B 191 -7.62 1.46 33.45
N HIS B 192 -6.50 2.19 33.40
CA HIS B 192 -5.59 2.38 34.53
C HIS B 192 -4.89 1.10 34.96
N THR B 193 -4.98 0.04 34.16
CA THR B 193 -4.55 -1.29 34.58
C THR B 193 -3.61 -1.90 33.55
N ARG B 194 -2.72 -2.77 34.05
CA ARG B 194 -1.90 -3.59 33.17
C ARG B 194 -2.78 -4.55 32.37
N PRO B 195 -2.25 -5.11 31.28
CA PRO B 195 -2.98 -6.17 30.58
C PRO B 195 -2.90 -7.49 31.33
N ASP B 196 -3.97 -8.27 31.27
CA ASP B 196 -3.98 -9.59 31.88
C ASP B 196 -2.97 -10.49 31.20
N ASP B 197 -2.57 -11.55 31.91
CA ASP B 197 -1.60 -12.50 31.35
C ASP B 197 -2.12 -13.09 30.05
N ALA B 198 -3.43 -13.35 29.96
CA ALA B 198 -3.99 -13.91 28.74
C ALA B 198 -3.89 -12.92 27.59
N VAL B 199 -4.04 -11.63 27.87
CA VAL B 199 -3.91 -10.62 26.82
C VAL B 199 -2.46 -10.53 26.36
N VAL B 200 -1.51 -10.56 27.31
CA VAL B 200 -0.10 -10.48 26.94
C VAL B 200 0.30 -11.67 26.08
N GLU B 201 -0.12 -12.88 26.48
CA GLU B 201 0.19 -14.07 25.70
C GLU B 201 -0.35 -13.93 24.28
N ARG B 202 -1.61 -13.51 24.15
CA ARG B 202 -2.21 -13.38 22.83
C ARG B 202 -1.45 -12.36 22.00
N PHE B 203 -1.03 -11.25 22.60
CA PHE B 203 -0.34 -10.23 21.83
C PHE B 203 1.04 -10.70 21.39
N VAL B 204 1.79 -11.36 22.28
CA VAL B 204 3.11 -11.86 21.90
C VAL B 204 2.99 -12.83 20.73
N ARG B 205 2.04 -13.77 20.84
CA ARG B 205 1.79 -14.67 19.72
C ARG B 205 1.42 -13.89 18.46
N PHE B 206 0.55 -12.88 18.60
CA PHE B 206 0.21 -12.03 17.47
C PHE B 206 1.45 -11.37 16.89
N SER B 207 2.28 -10.79 17.75
CA SER B 207 3.49 -10.12 17.27
C SER B 207 4.38 -11.06 16.48
N ARG B 208 4.56 -12.30 16.97
CA ARG B 208 5.42 -13.24 16.26
C ARG B 208 4.88 -13.57 14.87
N SER B 209 3.56 -13.54 14.70
CA SER B 209 2.95 -13.93 13.42
C SER B 209 3.01 -12.84 12.37
N LEU B 210 3.45 -11.63 12.73
CA LEU B 210 3.37 -10.50 11.80
C LEU B 210 4.47 -10.61 10.75
N PRO B 211 4.13 -10.47 9.47
CA PRO B 211 5.18 -10.29 8.45
C PRO B 211 5.95 -9.01 8.71
N PRO B 212 7.16 -8.88 8.16
CA PRO B 212 8.00 -7.71 8.49
C PRO B 212 7.42 -6.38 8.06
N ASP B 213 6.36 -6.35 7.24
CA ASP B 213 5.86 -5.10 6.70
C ASP B 213 4.60 -4.59 7.42
N VAL B 214 4.15 -5.27 8.47
CA VAL B 214 2.92 -4.89 9.15
C VAL B 214 3.22 -3.81 10.19
N TRP B 215 2.39 -2.78 10.21
CA TRP B 215 2.51 -1.65 11.12
C TRP B 215 1.38 -1.71 12.14
N LEU B 216 1.71 -1.43 13.40
CA LEU B 216 0.75 -1.45 14.49
C LEU B 216 0.53 -0.05 15.02
N HIS B 217 -0.73 0.38 15.05
CA HIS B 217 -1.12 1.63 15.69
C HIS B 217 -2.01 1.29 16.88
N PHE B 218 -1.48 1.48 18.08
CA PHE B 218 -2.21 1.24 19.32
C PHE B 218 -3.04 2.46 19.69
N HIS B 219 -4.13 2.23 20.40
CA HIS B 219 -4.87 3.34 20.96
C HIS B 219 -5.71 2.85 22.14
N SER B 220 -5.94 3.77 23.07
CA SER B 220 -6.83 3.55 24.20
C SER B 220 -7.88 4.65 24.18
N ARG B 221 -8.33 5.12 25.34
CA ARG B 221 -9.20 6.30 25.36
C ARG B 221 -8.36 7.58 25.29
N GLY B 222 -7.33 7.68 26.13
CA GLY B 222 -6.52 8.89 26.19
C GLY B 222 -5.14 8.71 25.58
N GLY B 223 -4.83 7.54 25.06
CA GLY B 223 -3.53 7.31 24.47
C GLY B 223 -2.37 7.44 25.44
N ALA B 224 -2.62 7.24 26.74
CA ALA B 224 -1.59 7.39 27.75
C ALA B 224 -1.25 6.00 28.28
N GLY B 225 -1.75 5.62 29.46
CA GLY B 225 -1.33 4.38 30.10
C GLY B 225 -1.36 3.14 29.23
N ARG B 226 -2.54 2.76 28.75
CA ARG B 226 -2.65 1.51 28.01
C ARG B 226 -1.89 1.57 26.69
N THR B 227 -2.05 2.67 25.94
CA THR B 227 -1.32 2.81 24.68
C THR B 227 0.18 2.78 24.91
N THR B 228 0.67 3.57 25.86
CA THR B 228 2.11 3.60 26.11
C THR B 228 2.62 2.25 26.60
N THR B 229 1.80 1.51 27.35
CA THR B 229 2.22 0.20 27.82
C THR B 229 2.53 -0.73 26.66
N PHE B 230 1.66 -0.75 25.63
CA PHE B 230 1.85 -1.70 24.54
C PHE B 230 2.91 -1.22 23.54
N MET B 231 3.04 0.07 23.32
CA MET B 231 4.19 0.56 22.58
C MET B 231 5.48 0.15 23.28
N THR B 232 5.47 0.16 24.61
CA THR B 232 6.63 -0.30 25.37
C THR B 232 6.85 -1.80 25.18
N LEU B 233 5.77 -2.59 25.21
CA LEU B 233 5.93 -4.03 24.97
C LEU B 233 6.54 -4.29 23.60
N VAL B 234 6.07 -3.58 22.58
CA VAL B 234 6.66 -3.71 21.25
C VAL B 234 8.14 -3.35 21.30
N ASP B 235 8.45 -2.23 21.96
CA ASP B 235 9.84 -1.79 22.06
C ASP B 235 10.70 -2.87 22.74
N MET B 236 10.19 -3.45 23.82
CA MET B 236 10.97 -4.45 24.55
C MET B 236 11.14 -5.73 23.72
N LEU B 237 10.09 -6.16 23.01
CA LEU B 237 10.18 -7.37 22.21
C LEU B 237 11.32 -7.30 21.20
N ARG B 238 11.69 -6.10 20.78
CA ARG B 238 12.76 -5.90 19.81
C ARG B 238 14.09 -5.54 20.44
N ASN B 239 14.08 -4.72 21.50
CA ASN B 239 15.28 -4.04 21.96
C ASN B 239 15.68 -4.36 23.39
N ALA B 240 14.88 -5.13 24.13
CA ALA B 240 15.25 -5.44 25.51
C ALA B 240 16.66 -6.00 25.65
N PRO B 241 17.15 -6.85 24.75
CA PRO B 241 18.53 -7.36 24.90
C PRO B 241 19.60 -6.30 24.75
N SER B 242 19.30 -5.16 24.13
CA SER B 242 20.32 -4.17 23.79
C SER B 242 20.08 -2.79 24.38
N VAL B 243 18.90 -2.52 24.95
CA VAL B 243 18.57 -1.21 25.49
C VAL B 243 18.10 -1.37 26.92
N ALA B 244 18.54 -0.45 27.78
CA ALA B 244 18.20 -0.53 29.20
C ALA B 244 16.71 -0.32 29.44
N PHE B 245 16.20 -0.97 30.48
CA PHE B 245 14.80 -0.82 30.85
C PHE B 245 14.43 0.65 31.01
N GLU B 246 15.28 1.42 31.70
CA GLU B 246 14.96 2.82 31.97
C GLU B 246 14.93 3.65 30.70
N ASP B 247 15.77 3.30 29.71
CA ASP B 247 15.76 4.05 28.45
C ASP B 247 14.50 3.78 27.65
N ILE B 248 14.04 2.53 27.64
CA ILE B 248 12.81 2.21 26.93
C ILE B 248 11.63 2.95 27.53
N ILE B 249 11.51 2.91 28.86
CA ILE B 249 10.42 3.62 29.53
C ILE B 249 10.54 5.12 29.28
N ALA B 250 11.76 5.65 29.34
CA ALA B 250 11.95 7.09 29.21
C ALA B 250 11.67 7.56 27.79
N ARG B 251 12.09 6.78 26.78
CA ARG B 251 11.92 7.23 25.40
C ARG B 251 10.48 7.08 24.92
N GLN B 252 9.74 6.11 25.48
CA GLN B 252 8.32 6.04 25.15
C GLN B 252 7.56 7.22 25.74
N LYS B 253 8.04 7.77 26.85
CA LYS B 253 7.49 9.03 27.34
C LYS B 253 7.90 10.19 26.44
N ALA B 254 9.20 10.26 26.11
CA ALA B 254 9.69 11.38 25.31
C ALA B 254 9.07 11.41 23.92
N LEU B 255 8.61 10.26 23.42
CA LEU B 255 7.94 10.23 22.13
C LEU B 255 6.57 10.91 22.16
N GLY B 256 5.98 11.05 23.35
CA GLY B 256 4.65 11.62 23.46
C GLY B 256 3.72 10.79 24.33
N GLY B 257 4.23 9.66 24.82
CA GLY B 257 3.46 8.81 25.72
C GLY B 257 3.50 9.32 27.14
N SER B 258 2.92 8.51 28.03
CA SER B 258 2.92 8.82 29.45
C SER B 258 4.17 8.24 30.10
N ASP B 259 4.36 8.60 31.37
CA ASP B 259 5.50 8.13 32.15
C ASP B 259 5.06 6.89 32.94
N LEU B 260 5.40 5.71 32.42
CA LEU B 260 5.02 4.48 33.10
C LEU B 260 5.81 4.27 34.38
N ALA B 261 6.92 4.98 34.56
CA ALA B 261 7.68 4.91 35.81
C ALA B 261 7.06 5.75 36.93
N LYS B 262 6.04 6.55 36.62
CA LYS B 262 5.32 7.30 37.65
C LYS B 262 4.32 6.38 38.33
N THR B 263 4.52 6.14 39.62
CA THR B 263 3.62 5.29 40.40
C THR B 263 3.08 6.04 41.62
N PRO B 269 -4.57 6.19 46.45
CA PRO B 269 -3.90 4.90 46.65
C PRO B 269 -4.34 3.84 45.66
N GLY B 270 -5.61 3.86 45.27
CA GLY B 270 -6.12 2.86 44.33
C GLY B 270 -5.40 2.91 43.00
N ARG B 271 -5.35 4.09 42.38
CA ARG B 271 -4.67 4.21 41.10
C ARG B 271 -3.16 4.01 41.25
N ASP B 272 -2.60 4.46 42.37
CA ASP B 272 -1.17 4.28 42.60
C ASP B 272 -0.80 2.80 42.65
N ALA B 273 -1.64 1.98 43.29
CA ALA B 273 -1.35 0.56 43.38
C ALA B 273 -1.41 -0.09 42.00
N LEU B 274 -2.41 0.24 41.19
CA LEU B 274 -2.47 -0.28 39.84
C LEU B 274 -1.24 0.13 39.03
N ALA B 275 -0.79 1.38 39.21
CA ALA B 275 0.42 1.82 38.51
C ALA B 275 1.64 1.04 38.98
N ARG B 276 1.73 0.76 40.28
CA ARG B 276 2.83 -0.06 40.78
C ARG B 276 2.76 -1.47 40.21
N GLN B 277 1.57 -2.07 40.22
CA GLN B 277 1.39 -3.39 39.61
C GLN B 277 1.82 -3.36 38.14
N ARG B 278 1.46 -2.30 37.42
CA ARG B 278 1.81 -2.20 36.01
C ARG B 278 3.33 -2.13 35.84
N LEU B 279 4.00 -1.30 36.64
CA LEU B 279 5.45 -1.17 36.54
C LEU B 279 6.15 -2.49 36.87
N GLU B 280 5.66 -3.20 37.89
CA GLU B 280 6.21 -4.52 38.19
C GLU B 280 6.07 -5.46 37.01
N PHE B 281 4.90 -5.46 36.37
CA PHE B 281 4.71 -6.27 35.17
C PHE B 281 5.71 -5.90 34.09
N LEU B 282 5.90 -4.60 33.85
CA LEU B 282 6.81 -4.15 32.80
C LEU B 282 8.24 -4.60 33.10
N ARG B 283 8.67 -4.51 34.36
CA ARG B 283 9.99 -5.03 34.71
C ARG B 283 10.06 -6.54 34.46
N ARG B 284 8.99 -7.26 34.79
CA ARG B 284 8.99 -8.70 34.56
C ARG B 284 8.96 -9.01 33.07
N PHE B 285 8.20 -8.23 32.29
CA PHE B 285 8.17 -8.46 30.85
C PHE B 285 9.52 -8.11 30.22
N TYR B 286 10.21 -7.11 30.75
CA TYR B 286 11.53 -6.76 30.25
C TYR B 286 12.48 -7.96 30.37
N GLU B 287 12.50 -8.60 31.53
CA GLU B 287 13.33 -9.79 31.70
C GLU B 287 12.88 -10.90 30.75
N TYR B 288 11.58 -11.07 30.58
CA TYR B 288 11.08 -12.05 29.62
C TYR B 288 11.62 -11.76 28.23
N ALA B 289 11.51 -10.50 27.78
CA ALA B 289 11.95 -10.14 26.44
C ALA B 289 13.45 -10.27 26.28
N ARG B 290 14.21 -10.09 27.37
CA ARG B 290 15.66 -10.31 27.30
C ARG B 290 15.96 -11.79 27.07
N ALA B 291 15.27 -12.68 27.77
CA ALA B 291 15.51 -14.10 27.66
C ALA B 291 14.83 -14.72 26.43
N ASN B 292 13.84 -14.04 25.87
CA ASN B 292 13.10 -14.53 24.71
C ASN B 292 12.94 -13.42 23.69
N PRO B 293 14.02 -13.08 22.98
CA PRO B 293 13.94 -12.00 21.98
C PRO B 293 12.82 -12.22 20.99
N GLY B 294 11.98 -11.20 20.83
CA GLY B 294 10.88 -11.28 19.89
C GLY B 294 9.78 -12.24 20.26
N GLY B 295 9.70 -12.64 21.53
CA GLY B 295 8.70 -13.58 21.96
C GLY B 295 9.04 -15.03 21.73
N ALA B 296 10.30 -15.34 21.44
CA ALA B 296 10.76 -16.70 21.20
C ALA B 296 12.09 -16.89 21.90
N PRO B 297 12.45 -18.14 22.24
CA PRO B 297 11.72 -19.37 21.94
C PRO B 297 10.52 -19.65 22.85
N LEU B 298 10.44 -18.99 24.01
CA LEU B 298 9.35 -19.19 24.94
C LEU B 298 8.34 -18.06 24.88
N GLY B 299 7.08 -18.41 25.11
CA GLY B 299 6.03 -17.42 25.24
C GLY B 299 5.99 -16.83 26.64
N TRP B 300 5.02 -15.92 26.83
CA TRP B 300 4.89 -15.24 28.12
C TRP B 300 4.43 -16.19 29.22
N THR B 301 3.34 -16.92 28.97
CA THR B 301 2.81 -17.81 30.00
C THR B 301 3.75 -19.00 30.24
N ALA B 302 4.33 -19.54 29.17
CA ALA B 302 5.29 -20.64 29.34
C ALA B 302 6.50 -20.20 30.15
N TRP B 303 6.98 -18.98 29.90
CA TRP B 303 8.11 -18.45 30.65
C TRP B 303 7.76 -18.30 32.12
N LEU B 304 6.55 -17.81 32.42
CA LEU B 304 6.13 -17.67 33.81
C LEU B 304 5.97 -19.03 34.46
N ALA B 305 5.38 -20.00 33.75
CA ALA B 305 5.14 -21.31 34.33
C ALA B 305 6.46 -21.99 34.72
N GLY B 306 7.53 -21.75 33.98
CA GLY B 306 8.81 -22.34 34.27
C GLY B 306 9.61 -21.56 35.30
N GLY B 307 8.95 -20.70 36.06
CA GLY B 307 9.62 -19.94 37.10
C GLY B 307 10.47 -18.80 36.59
N ALA B 308 10.26 -18.35 35.35
CA ALA B 308 11.00 -17.21 34.79
C ALA B 308 12.50 -17.46 34.81
N LYS B 309 12.89 -18.66 34.38
CA LYS B 309 14.31 -19.03 34.32
C LYS B 309 15.10 -18.08 33.44
N ASP C 30 -25.71 -29.30 20.22
CA ASP C 30 -25.15 -29.79 18.97
C ASP C 30 -24.48 -28.65 18.19
N VAL C 31 -23.14 -28.59 18.27
CA VAL C 31 -22.37 -27.55 17.58
C VAL C 31 -21.84 -28.01 16.23
N GLY C 32 -21.97 -29.29 15.90
CA GLY C 32 -21.56 -29.79 14.60
C GLY C 32 -20.24 -30.56 14.67
N VAL C 33 -19.88 -31.12 13.53
CA VAL C 33 -18.65 -31.88 13.39
C VAL C 33 -17.54 -30.94 12.96
N LEU C 34 -16.44 -30.95 13.70
CA LEU C 34 -15.25 -30.20 13.29
C LEU C 34 -14.71 -30.79 11.99
N THR C 35 -14.68 -29.99 10.94
CA THR C 35 -14.39 -30.47 9.59
C THR C 35 -13.32 -29.61 8.95
N LEU C 36 -12.55 -30.22 8.05
CA LEU C 36 -11.51 -29.50 7.33
C LEU C 36 -12.12 -28.71 6.18
N ASP C 37 -11.75 -27.43 6.07
CA ASP C 37 -12.08 -26.63 4.91
C ASP C 37 -10.94 -26.63 3.90
N ALA C 38 -9.71 -26.43 4.36
CA ALA C 38 -8.53 -26.42 3.51
C ALA C 38 -7.30 -26.79 4.33
N PRO C 39 -6.50 -27.75 3.89
CA PRO C 39 -5.31 -28.11 4.67
C PRO C 39 -4.28 -27.00 4.64
N ALA C 40 -3.44 -26.98 5.68
CA ALA C 40 -2.40 -25.96 5.79
C ALA C 40 -1.53 -25.89 4.53
N ALA C 41 -1.33 -27.02 3.86
CA ALA C 41 -0.44 -27.07 2.71
C ALA C 41 -1.06 -26.47 1.46
N SER C 42 -2.37 -26.19 1.46
CA SER C 42 -3.00 -25.61 0.28
C SER C 42 -2.50 -24.20 0.05
N ALA C 43 -2.37 -23.82 -1.22
CA ALA C 43 -1.91 -22.49 -1.59
C ALA C 43 -3.10 -21.64 -2.07
N LEU C 44 -3.08 -21.23 -3.32
CA LEU C 44 -4.16 -20.38 -3.83
C LEU C 44 -5.50 -21.11 -3.69
N PRO C 45 -6.48 -20.52 -3.02
CA PRO C 45 -7.76 -21.23 -2.83
C PRO C 45 -8.47 -21.47 -4.15
N HIS C 46 -9.36 -22.47 -4.12
CA HIS C 46 -10.16 -22.80 -5.28
C HIS C 46 -11.10 -21.65 -5.62
N ARG C 47 -11.39 -21.50 -6.91
CA ARG C 47 -12.32 -20.49 -7.41
C ARG C 47 -11.83 -19.07 -7.11
N PHE C 48 -10.52 -18.87 -7.06
CA PHE C 48 -10.00 -17.51 -6.91
C PHE C 48 -10.13 -16.76 -8.23
N ARG C 49 -10.66 -15.55 -8.15
CA ARG C 49 -10.72 -14.69 -9.33
C ARG C 49 -10.89 -13.24 -8.89
N THR C 50 -10.42 -12.33 -9.72
CA THR C 50 -10.63 -10.91 -9.54
C THR C 50 -11.45 -10.36 -10.70
N CYS C 51 -11.95 -9.14 -10.53
CA CYS C 51 -12.70 -8.49 -11.59
C CYS C 51 -11.84 -8.18 -12.82
N PHE C 52 -10.54 -8.46 -12.77
CA PHE C 52 -9.66 -8.31 -13.92
C PHE C 52 -9.43 -9.62 -14.67
N PHE C 53 -9.92 -10.75 -14.15
CA PHE C 53 -9.68 -12.03 -14.78
C PHE C 53 -10.40 -12.13 -16.12
N PRO C 54 -9.91 -12.99 -17.02
CA PRO C 54 -10.61 -13.18 -18.29
C PRO C 54 -11.95 -13.87 -18.09
N LEU C 55 -12.86 -13.62 -19.02
CA LEU C 55 -14.18 -14.22 -18.99
C LEU C 55 -14.20 -15.49 -19.84
N THR C 56 -14.62 -16.59 -19.24
CA THR C 56 -14.74 -17.86 -19.94
C THR C 56 -16.20 -18.09 -20.30
N ALA C 57 -16.51 -18.12 -21.59
CA ALA C 57 -17.88 -18.31 -22.06
C ALA C 57 -18.35 -19.74 -21.77
N ALA C 61 -22.18 -20.72 -24.35
CA ALA C 61 -22.82 -19.46 -24.02
C ALA C 61 -22.12 -18.29 -24.70
N ALA C 62 -22.85 -17.19 -24.87
CA ALA C 62 -22.25 -15.97 -25.39
C ALA C 62 -21.55 -15.21 -24.25
N VAL C 63 -20.59 -14.38 -24.64
CA VAL C 63 -19.81 -13.62 -23.66
C VAL C 63 -20.59 -12.37 -23.29
N PRO C 64 -20.89 -12.13 -22.02
CA PRO C 64 -21.71 -10.98 -21.65
C PRO C 64 -20.95 -9.67 -21.76
N SER C 65 -21.70 -8.58 -21.61
CA SER C 65 -21.08 -7.25 -21.59
C SER C 65 -20.06 -7.15 -20.47
N ARG C 66 -19.00 -6.37 -20.72
CA ARG C 66 -17.92 -6.15 -19.76
C ARG C 66 -17.91 -4.73 -19.21
N GLU C 67 -18.90 -3.91 -19.56
CA GLU C 67 -18.91 -2.52 -19.12
C GLU C 67 -18.94 -2.44 -17.60
N GLY C 68 -17.98 -1.70 -17.05
CA GLY C 68 -17.94 -1.46 -15.61
C GLY C 68 -17.44 -2.60 -14.76
N LEU C 69 -16.97 -3.68 -15.37
CA LEU C 69 -16.56 -4.85 -14.59
C LEU C 69 -15.16 -4.67 -14.00
N ASN C 70 -14.20 -4.23 -14.82
CA ASN C 70 -12.82 -4.15 -14.36
C ASN C 70 -12.65 -3.19 -13.20
N GLY C 71 -13.51 -2.18 -13.10
CA GLY C 71 -13.32 -1.12 -12.11
C GLY C 71 -14.06 -1.34 -10.80
N LEU C 72 -14.50 -2.57 -10.53
CA LEU C 72 -15.30 -2.84 -9.35
C LEU C 72 -14.49 -2.97 -8.08
N ARG C 73 -13.17 -3.14 -8.18
CA ARG C 73 -12.31 -3.34 -7.02
CA ARG C 73 -12.31 -3.34 -7.01
C ARG C 73 -12.84 -4.47 -6.14
N VAL C 74 -13.03 -5.64 -6.75
CA VAL C 74 -13.58 -6.78 -6.04
C VAL C 74 -12.93 -8.07 -6.54
N SER C 75 -12.79 -9.02 -5.62
CA SER C 75 -12.30 -10.36 -5.92
C SER C 75 -13.04 -11.34 -5.03
N GLY C 76 -12.86 -12.64 -5.31
CA GLY C 76 -13.52 -13.68 -4.55
C GLY C 76 -12.77 -14.98 -4.61
N SER C 77 -13.11 -15.88 -3.69
CA SER C 77 -12.47 -17.20 -3.64
C SER C 77 -13.20 -18.07 -2.63
N SER C 78 -12.79 -19.34 -2.58
CA SER C 78 -13.25 -20.26 -1.54
C SER C 78 -12.42 -20.04 -0.28
N GLN C 79 -12.72 -20.82 0.76
CA GLN C 79 -11.96 -20.71 2.00
C GLN C 79 -10.50 -21.04 1.77
N PHE C 80 -9.63 -20.23 2.38
CA PHE C 80 -8.19 -20.32 2.20
C PHE C 80 -7.54 -20.83 3.47
N SER C 81 -6.36 -21.42 3.31
CA SER C 81 -5.48 -21.67 4.45
C SER C 81 -4.76 -20.38 4.82
N LEU C 82 -4.00 -20.43 5.91
CA LEU C 82 -3.18 -19.27 6.26
C LEU C 82 -2.16 -18.99 5.17
N ALA C 83 -1.49 -20.03 4.67
CA ALA C 83 -0.56 -19.85 3.56
C ALA C 83 -1.28 -19.28 2.33
N GLY C 84 -2.50 -19.75 2.08
CA GLY C 84 -3.26 -19.21 0.96
C GLY C 84 -3.54 -17.73 1.11
N LEU C 85 -3.91 -17.29 2.31
CA LEU C 85 -4.14 -15.88 2.54
C LEU C 85 -2.87 -15.07 2.30
N ALA C 86 -1.74 -15.55 2.83
CA ALA C 86 -0.47 -14.85 2.63
C ALA C 86 -0.12 -14.77 1.16
N LEU C 87 -0.40 -15.83 0.39
CA LEU C 87 -0.13 -15.81 -1.04
C LEU C 87 -1.02 -14.78 -1.74
N MET C 88 -2.31 -14.79 -1.44
CA MET C 88 -3.21 -13.82 -2.05
C MET C 88 -2.78 -12.39 -1.72
N ARG C 89 -2.26 -12.17 -0.51
CA ARG C 89 -1.86 -10.82 -0.12
C ARG C 89 -0.78 -10.28 -1.04
N GLU C 90 0.04 -11.16 -1.62
CA GLU C 90 1.10 -10.70 -2.52
C GLU C 90 0.53 -9.90 -3.69
N GLN C 91 -0.73 -10.16 -4.07
CA GLN C 91 -1.35 -9.46 -5.18
C GLN C 91 -2.55 -8.61 -4.75
N PHE C 92 -2.79 -8.46 -3.43
CA PHE C 92 -3.83 -7.56 -2.98
C PHE C 92 -3.35 -6.11 -3.08
N PRO C 93 -4.21 -5.19 -3.52
CA PRO C 93 -3.83 -3.78 -3.51
C PRO C 93 -3.79 -3.23 -2.10
N PRO C 94 -3.32 -1.99 -1.93
CA PRO C 94 -3.39 -1.38 -0.60
C PRO C 94 -4.84 -1.24 -0.15
N ARG C 95 -5.04 -1.37 1.16
CA ARG C 95 -6.35 -1.17 1.78
C ARG C 95 -7.35 -2.21 1.28
N ALA C 96 -6.97 -3.47 1.37
CA ALA C 96 -7.83 -4.59 0.98
C ALA C 96 -8.55 -5.14 2.20
N VAL C 97 -9.78 -5.62 1.98
CA VAL C 97 -10.64 -6.12 3.05
C VAL C 97 -11.06 -7.55 2.72
N ILE C 98 -10.85 -8.44 3.68
CA ILE C 98 -11.41 -9.79 3.61
C ILE C 98 -12.84 -9.73 4.16
N VAL C 99 -13.81 -10.04 3.31
CA VAL C 99 -15.21 -10.07 3.71
C VAL C 99 -15.63 -11.53 3.86
N ASP C 100 -15.79 -11.95 5.11
CA ASP C 100 -16.13 -13.33 5.44
C ASP C 100 -17.64 -13.47 5.51
N LEU C 101 -18.21 -14.28 4.61
CA LEU C 101 -19.65 -14.41 4.46
C LEU C 101 -20.22 -15.63 5.19
N ARG C 102 -19.41 -16.31 6.00
CA ARG C 102 -19.79 -17.61 6.55
C ARG C 102 -20.51 -17.42 7.88
N ARG C 103 -21.80 -17.75 7.92
CA ARG C 103 -22.52 -17.76 9.18
C ARG C 103 -22.06 -18.91 10.08
N GLU C 104 -21.61 -20.01 9.48
CA GLU C 104 -21.12 -21.14 10.27
C GLU C 104 -19.85 -20.75 11.01
N SER C 105 -19.66 -21.35 12.18
CA SER C 105 -18.45 -21.11 12.96
C SER C 105 -17.26 -21.77 12.29
N HIS C 106 -16.16 -21.02 12.20
CA HIS C 106 -14.96 -21.54 11.55
C HIS C 106 -13.76 -20.72 12.03
N GLY C 107 -12.59 -21.17 11.60
CA GLY C 107 -11.34 -20.53 11.97
C GLY C 107 -10.15 -21.29 11.46
N PHE C 108 -9.04 -21.24 12.18
CA PHE C 108 -7.81 -21.88 11.76
C PHE C 108 -7.21 -22.65 12.93
N LEU C 109 -6.77 -23.88 12.65
CA LEU C 109 -6.01 -24.70 13.60
C LEU C 109 -4.64 -24.89 12.96
N GLY C 110 -3.65 -24.16 13.45
CA GLY C 110 -2.44 -24.02 12.66
C GLY C 110 -2.75 -23.31 11.37
N GLY C 111 -2.14 -23.77 10.28
CA GLY C 111 -2.49 -23.25 8.97
C GLY C 111 -3.77 -23.81 8.39
N ASN C 112 -4.35 -24.83 9.02
CA ASN C 112 -5.52 -25.50 8.49
C ASN C 112 -6.78 -24.68 8.73
N ALA C 113 -7.57 -24.48 7.69
CA ALA C 113 -8.88 -23.86 7.82
C ALA C 113 -9.89 -24.93 8.20
N VAL C 114 -10.59 -24.72 9.32
CA VAL C 114 -11.54 -25.69 9.85
C VAL C 114 -12.85 -25.00 10.19
N SER C 115 -13.91 -25.79 10.26
CA SER C 115 -15.24 -25.28 10.54
C SER C 115 -16.06 -26.32 11.25
N TRP C 116 -17.11 -25.87 11.93
CA TRP C 116 -18.06 -26.73 12.62
C TRP C 116 -19.30 -26.88 11.75
N ARG C 117 -19.48 -28.06 11.19
CA ARG C 117 -20.49 -28.30 10.15
C ARG C 117 -21.68 -29.02 10.76
N LEU C 118 -22.82 -28.35 10.79
CA LEU C 118 -24.11 -28.97 11.08
C LEU C 118 -24.70 -29.54 9.80
N PRO C 119 -25.76 -30.34 9.90
CA PRO C 119 -26.43 -30.83 8.69
C PRO C 119 -26.74 -29.69 7.73
N ASP C 120 -26.44 -29.91 6.45
CA ASP C 120 -26.57 -28.90 5.41
C ASP C 120 -25.67 -27.69 5.67
N ASN C 121 -24.73 -27.80 6.60
CA ASN C 121 -23.83 -26.70 6.95
C ASN C 121 -24.62 -25.47 7.40
N GLN C 122 -25.65 -25.69 8.21
CA GLN C 122 -26.50 -24.61 8.70
C GLN C 122 -26.17 -24.26 10.14
N GLY C 123 -24.89 -24.02 10.42
CA GLY C 123 -24.49 -23.63 11.75
C GLY C 123 -25.00 -22.24 12.11
N ASN C 124 -25.13 -22.01 13.42
CA ASN C 124 -25.61 -20.75 13.97
C ASN C 124 -26.85 -20.25 13.22
N PRO C 125 -27.86 -21.08 13.04
CA PRO C 125 -28.99 -20.70 12.18
C PRO C 125 -29.67 -19.43 12.67
N GLY C 126 -29.85 -18.50 11.74
CA GLY C 126 -30.54 -17.25 12.05
C GLY C 126 -29.77 -16.27 12.89
N ARG C 127 -28.50 -16.53 13.16
CA ARG C 127 -27.69 -15.67 14.03
C ARG C 127 -26.90 -14.67 13.19
N ASP C 128 -26.68 -13.49 13.76
CA ASP C 128 -25.90 -12.45 13.10
C ASP C 128 -24.43 -12.57 13.45
N ALA C 129 -23.61 -11.75 12.78
CA ALA C 129 -22.16 -11.88 12.89
C ALA C 129 -21.66 -11.66 14.30
N ALA C 130 -22.34 -10.79 15.07
CA ALA C 130 -21.91 -10.54 16.45
C ALA C 130 -22.07 -11.80 17.30
N PHE C 131 -23.19 -12.50 17.15
CA PHE C 131 -23.39 -13.76 17.86
C PHE C 131 -22.41 -14.82 17.38
N VAL C 132 -22.21 -14.92 16.07
CA VAL C 132 -21.35 -15.95 15.51
C VAL C 132 -19.91 -15.75 15.98
N ALA C 133 -19.43 -14.50 15.98
CA ALA C 133 -18.05 -14.24 16.34
C ALA C 133 -17.76 -14.77 17.74
N GLU C 134 -18.64 -14.47 18.69
CA GLU C 134 -18.42 -14.92 20.07
C GLU C 134 -18.53 -16.43 20.18
N ALA C 135 -19.51 -17.03 19.49
CA ALA C 135 -19.70 -18.47 19.58
C ALA C 135 -18.49 -19.22 19.03
N GLU C 136 -17.99 -18.80 17.87
CA GLU C 136 -16.86 -19.49 17.27
C GLU C 136 -15.57 -19.22 18.06
N ALA C 137 -15.48 -18.06 18.70
CA ALA C 137 -14.32 -17.77 19.53
C ALA C 137 -14.16 -18.81 20.63
N ALA C 138 -15.27 -19.17 21.29
CA ALA C 138 -15.20 -20.18 22.34
C ALA C 138 -14.86 -21.55 21.76
N LEU C 139 -15.45 -21.89 20.61
CA LEU C 139 -15.12 -23.17 19.96
C LEU C 139 -13.64 -23.24 19.63
N LEU C 140 -13.08 -22.17 19.07
CA LEU C 140 -11.66 -22.16 18.75
C LEU C 140 -10.81 -22.26 20.02
N ALA C 141 -11.23 -21.56 21.08
CA ALA C 141 -10.48 -21.62 22.33
C ALA C 141 -10.43 -23.04 22.89
N ALA C 142 -11.47 -23.83 22.65
CA ALA C 142 -11.52 -25.18 23.19
C ALA C 142 -10.59 -26.16 22.48
N ILE C 143 -10.06 -25.80 21.31
CA ILE C 143 -9.12 -26.65 20.59
C ILE C 143 -7.74 -26.00 20.48
N ASP C 144 -7.54 -24.85 21.11
CA ASP C 144 -6.27 -24.14 20.99
C ASP C 144 -5.19 -24.87 21.79
N GLU C 145 -4.10 -25.23 21.11
CA GLU C 145 -2.94 -25.85 21.73
C GLU C 145 -3.35 -27.09 22.55
N ARG C 146 -4.10 -27.98 21.91
CA ARG C 146 -4.47 -29.26 22.49
C ARG C 146 -4.14 -30.37 21.51
N PRO C 147 -3.65 -31.52 21.99
CA PRO C 147 -3.31 -32.61 21.09
C PRO C 147 -4.54 -33.43 20.73
N ASP C 148 -4.36 -34.25 19.69
CA ASP C 148 -5.35 -35.26 19.30
C ASP C 148 -6.72 -34.65 19.01
N ILE C 149 -6.73 -33.52 18.30
CA ILE C 149 -7.97 -32.93 17.82
C ILE C 149 -8.33 -33.62 16.51
N VAL C 150 -9.47 -34.29 16.47
CA VAL C 150 -9.90 -35.04 15.31
C VAL C 150 -10.66 -34.10 14.38
N VAL C 151 -10.17 -33.94 13.15
CA VAL C 151 -10.78 -33.08 12.15
C VAL C 151 -11.27 -33.96 11.02
N ALA C 152 -12.58 -33.98 10.81
CA ALA C 152 -13.16 -34.77 9.74
C ALA C 152 -12.75 -34.24 8.38
N ARG C 153 -12.73 -35.14 7.40
CA ARG C 153 -12.37 -34.80 6.03
C ARG C 153 -13.38 -35.43 5.09
N GLU C 154 -14.01 -34.61 4.26
CA GLU C 154 -14.85 -35.12 3.18
C GLU C 154 -13.97 -35.77 2.12
N ALA C 155 -14.57 -36.67 1.33
CA ALA C 155 -13.82 -37.38 0.31
C ALA C 155 -13.09 -36.43 -0.61
N ARG C 156 -13.72 -35.30 -0.95
CA ARG C 156 -13.12 -34.33 -1.84
C ARG C 156 -11.96 -33.57 -1.21
N ARG C 157 -11.82 -33.64 0.12
CA ARG C 157 -10.77 -32.93 0.84
C ARG C 157 -9.84 -33.90 1.56
N GLY C 158 -9.60 -35.06 0.94
CA GLY C 158 -8.67 -36.03 1.47
C GLY C 158 -9.26 -37.09 2.37
N GLY C 159 -10.59 -37.10 2.54
CA GLY C 159 -11.23 -38.06 3.41
C GLY C 159 -11.27 -39.45 2.81
N PRO C 160 -12.07 -40.35 3.41
CA PRO C 160 -12.92 -40.11 4.58
C PRO C 160 -12.19 -40.19 5.91
N THR C 161 -10.94 -40.63 5.89
CA THR C 161 -10.18 -40.73 7.14
C THR C 161 -9.93 -39.33 7.70
N PRO C 162 -10.11 -39.13 8.99
CA PRO C 162 -9.94 -37.79 9.57
C PRO C 162 -8.48 -37.43 9.77
N LEU C 163 -8.26 -36.16 10.13
CA LEU C 163 -6.95 -35.68 10.54
C LEU C 163 -6.94 -35.56 12.06
N THR C 164 -5.83 -36.00 12.66
CA THR C 164 -5.60 -35.84 14.09
C THR C 164 -4.46 -34.85 14.26
N LEU C 165 -4.76 -33.71 14.87
CA LEU C 165 -3.84 -32.57 14.91
C LEU C 165 -3.69 -32.07 16.33
N GLY C 166 -2.62 -31.31 16.55
CA GLY C 166 -2.39 -30.64 17.81
C GLY C 166 -1.11 -31.10 18.49
N PRO C 167 -0.55 -30.26 19.37
CA PRO C 167 -1.06 -28.92 19.72
C PRO C 167 -0.73 -27.88 18.65
N LEU C 168 -1.71 -27.06 18.28
CA LEU C 168 -1.56 -26.02 17.28
C LEU C 168 -2.29 -24.78 17.73
N PRO C 169 -1.87 -23.60 17.28
CA PRO C 169 -2.58 -22.37 17.63
C PRO C 169 -3.90 -22.27 16.87
N ALA C 170 -4.97 -22.00 17.60
CA ALA C 170 -6.29 -21.80 17.02
C ALA C 170 -6.63 -20.32 17.05
N VAL C 171 -6.91 -19.75 15.88
CA VAL C 171 -7.20 -18.32 15.76
C VAL C 171 -8.41 -18.12 14.85
N SER C 172 -9.12 -17.02 15.08
CA SER C 172 -10.19 -16.62 14.18
C SER C 172 -9.60 -16.05 12.89
N GLU C 173 -10.42 -16.04 11.84
CA GLU C 173 -9.98 -15.41 10.60
C GLU C 173 -9.80 -13.91 10.80
N ALA C 174 -10.58 -13.30 11.69
CA ALA C 174 -10.40 -11.89 12.00
C ALA C 174 -8.96 -11.60 12.41
N GLN C 175 -8.41 -12.43 13.29
CA GLN C 175 -7.03 -12.21 13.71
C GLN C 175 -6.04 -12.58 12.61
N ALA C 176 -6.34 -13.64 11.85
CA ALA C 176 -5.47 -13.99 10.73
C ALA C 176 -5.36 -12.83 9.73
N ALA C 177 -6.48 -12.18 9.43
CA ALA C 177 -6.45 -11.03 8.54
C ALA C 177 -5.67 -9.88 9.16
N ALA C 178 -5.90 -9.61 10.45
CA ALA C 178 -5.21 -8.52 11.12
C ALA C 178 -3.71 -8.75 11.17
N SER C 179 -3.29 -10.00 11.38
CA SER C 179 -1.87 -10.30 11.45
C SER C 179 -1.14 -10.00 10.14
N LEU C 180 -1.87 -9.82 9.05
CA LEU C 180 -1.29 -9.48 7.75
C LEU C 180 -1.56 -8.05 7.35
N GLY C 181 -2.16 -7.24 8.22
CA GLY C 181 -2.50 -5.88 7.87
C GLY C 181 -3.64 -5.76 6.90
N LEU C 182 -4.59 -6.69 6.94
CA LEU C 182 -5.73 -6.69 6.04
C LEU C 182 -7.00 -6.39 6.83
N GLY C 183 -7.92 -5.66 6.20
CA GLY C 183 -9.22 -5.45 6.80
C GLY C 183 -10.02 -6.73 6.86
N TYR C 184 -11.05 -6.72 7.73
CA TYR C 184 -11.89 -7.88 7.92
C TYR C 184 -13.31 -7.43 8.25
N LEU C 185 -14.28 -7.98 7.52
CA LEU C 185 -15.70 -7.76 7.80
C LEU C 185 -16.40 -9.10 7.78
N ARG C 186 -17.22 -9.36 8.79
CA ARG C 186 -17.96 -10.62 8.92
C ARG C 186 -19.44 -10.36 8.69
N LEU C 187 -20.02 -11.11 7.75
CA LEU C 187 -21.45 -11.06 7.45
C LEU C 187 -21.96 -12.48 7.46
N ALA C 188 -22.90 -12.78 8.35
CA ALA C 188 -23.37 -14.15 8.57
C ALA C 188 -24.44 -14.48 7.54
N VAL C 189 -24.06 -15.25 6.53
CA VAL C 189 -24.96 -15.73 5.49
C VAL C 189 -24.99 -17.25 5.54
N SER C 190 -26.18 -17.83 5.53
CA SER C 190 -26.32 -19.28 5.57
C SER C 190 -25.93 -19.91 4.25
N ASP C 191 -25.20 -21.02 4.32
CA ASP C 191 -24.86 -21.78 3.13
C ASP C 191 -26.10 -22.07 2.31
N HIS C 192 -25.96 -22.01 0.98
CA HIS C 192 -27.02 -22.29 0.02
C HIS C 192 -28.16 -21.27 0.07
N THR C 193 -27.99 -20.16 0.79
CA THR C 193 -29.07 -19.24 1.08
C THR C 193 -28.68 -17.81 0.72
N ARG C 194 -29.69 -17.01 0.38
CA ARG C 194 -29.48 -15.59 0.19
C ARG C 194 -29.15 -14.93 1.52
N PRO C 195 -28.61 -13.71 1.47
CA PRO C 195 -28.39 -12.96 2.72
C PRO C 195 -29.70 -12.37 3.24
N ASP C 196 -29.84 -12.38 4.57
CA ASP C 196 -30.98 -11.75 5.20
C ASP C 196 -31.05 -10.27 4.85
N ASP C 197 -32.23 -9.70 4.98
CA ASP C 197 -32.40 -8.28 4.69
C ASP C 197 -31.48 -7.43 5.56
N ALA C 198 -31.33 -7.79 6.84
CA ALA C 198 -30.46 -7.04 7.72
C ALA C 198 -29.01 -7.09 7.23
N VAL C 199 -28.57 -8.25 6.72
CA VAL C 199 -27.23 -8.35 6.18
C VAL C 199 -27.07 -7.49 4.94
N VAL C 200 -28.06 -7.54 4.04
CA VAL C 200 -28.02 -6.68 2.86
C VAL C 200 -27.94 -5.22 3.28
N GLU C 201 -28.82 -4.81 4.20
CA GLU C 201 -28.80 -3.43 4.69
C GLU C 201 -27.42 -3.04 5.20
N ARG C 202 -26.82 -3.91 6.03
CA ARG C 202 -25.50 -3.58 6.59
C ARG C 202 -24.46 -3.46 5.49
N PHE C 203 -24.49 -4.35 4.50
CA PHE C 203 -23.47 -4.30 3.45
C PHE C 203 -23.60 -3.07 2.58
N VAL C 204 -24.84 -2.71 2.21
CA VAL C 204 -25.03 -1.50 1.39
C VAL C 204 -24.50 -0.28 2.14
N ARG C 205 -24.80 -0.17 3.43
CA ARG C 205 -24.26 0.93 4.23
C ARG C 205 -22.75 0.85 4.30
N PHE C 206 -22.20 -0.36 4.49
CA PHE C 206 -20.75 -0.54 4.45
C PHE C 206 -20.18 -0.11 3.11
N SER C 207 -20.82 -0.55 2.02
CA SER C 207 -20.34 -0.19 0.68
C SER C 207 -20.31 1.32 0.49
N ARG C 208 -21.35 2.02 0.97
CA ARG C 208 -21.40 3.47 0.78
C ARG C 208 -20.29 4.18 1.54
N SER C 209 -19.83 3.61 2.66
CA SER C 209 -18.84 4.26 3.50
C SER C 209 -17.41 4.06 3.00
N LEU C 210 -17.21 3.29 1.95
CA LEU C 210 -15.85 2.94 1.53
C LEU C 210 -15.23 4.09 0.74
N PRO C 211 -14.01 4.52 1.08
CA PRO C 211 -13.28 5.42 0.20
C PRO C 211 -13.02 4.77 -1.14
N PRO C 212 -12.68 5.54 -2.18
CA PRO C 212 -12.57 4.97 -3.53
C PRO C 212 -11.44 3.95 -3.68
N ASP C 213 -10.53 3.83 -2.73
CA ASP C 213 -9.37 2.97 -2.89
C ASP C 213 -9.49 1.63 -2.17
N VAL C 214 -10.61 1.37 -1.49
CA VAL C 214 -10.74 0.14 -0.71
C VAL C 214 -11.16 -1.01 -1.62
N TRP C 215 -10.44 -2.13 -1.48
CA TRP C 215 -10.69 -3.34 -2.26
C TRP C 215 -11.36 -4.39 -1.39
N LEU C 216 -12.36 -5.07 -1.94
CA LEU C 216 -13.13 -6.08 -1.21
C LEU C 216 -12.87 -7.45 -1.81
N HIS C 217 -12.42 -8.39 -0.98
CA HIS C 217 -12.26 -9.78 -1.38
C HIS C 217 -13.26 -10.62 -0.60
N PHE C 218 -14.30 -11.09 -1.27
CA PHE C 218 -15.31 -11.93 -0.64
C PHE C 218 -14.86 -13.38 -0.62
N HIS C 219 -15.38 -14.13 0.35
CA HIS C 219 -15.16 -15.57 0.35
C HIS C 219 -16.21 -16.23 1.21
N SER C 220 -16.49 -17.49 0.87
CA SER C 220 -17.38 -18.34 1.64
C SER C 220 -16.62 -19.63 1.94
N ARG C 221 -17.29 -20.77 1.94
CA ARG C 221 -16.57 -22.03 2.05
C ARG C 221 -16.06 -22.49 0.69
N GLY C 222 -16.94 -22.49 -0.31
CA GLY C 222 -16.58 -22.98 -1.64
C GLY C 222 -16.37 -21.88 -2.66
N GLY C 223 -16.63 -20.63 -2.28
CA GLY C 223 -16.46 -19.53 -3.22
C GLY C 223 -17.45 -19.55 -4.36
N ALA C 224 -18.63 -20.16 -4.16
CA ALA C 224 -19.62 -20.28 -5.22
C ALA C 224 -20.81 -19.41 -4.85
N GLY C 225 -21.90 -19.99 -4.33
CA GLY C 225 -23.13 -19.26 -4.11
C GLY C 225 -22.99 -17.96 -3.35
N ARG C 226 -22.53 -18.03 -2.10
CA ARG C 226 -22.47 -16.83 -1.28
C ARG C 226 -21.45 -15.82 -1.81
N THR C 227 -20.26 -16.30 -2.18
CA THR C 227 -19.24 -15.41 -2.74
C THR C 227 -19.73 -14.75 -4.02
N THR C 228 -20.26 -15.55 -4.95
CA THR C 228 -20.72 -14.99 -6.21
C THR C 228 -21.89 -14.04 -5.99
N THR C 229 -22.75 -14.34 -5.02
CA THR C 229 -23.88 -13.48 -4.72
C THR C 229 -23.42 -12.06 -4.37
N PHE C 230 -22.39 -11.95 -3.53
CA PHE C 230 -21.97 -10.64 -3.07
C PHE C 230 -21.10 -9.92 -4.09
N MET C 231 -20.30 -10.65 -4.86
CA MET C 231 -19.65 -10.03 -6.02
C MET C 231 -20.70 -9.46 -6.97
N THR C 232 -21.83 -10.16 -7.11
CA THR C 232 -22.91 -9.66 -7.95
C THR C 232 -23.54 -8.40 -7.35
N LEU C 233 -23.72 -8.36 -6.04
CA LEU C 233 -24.25 -7.15 -5.41
C LEU C 233 -23.34 -5.96 -5.65
N VAL C 234 -22.02 -6.15 -5.52
CA VAL C 234 -21.08 -5.07 -5.80
C VAL C 234 -21.19 -4.63 -7.26
N ASP C 235 -21.29 -5.60 -8.17
CA ASP C 235 -21.45 -5.28 -9.58
C ASP C 235 -22.71 -4.45 -9.81
N MET C 236 -23.82 -4.84 -9.20
CA MET C 236 -25.08 -4.13 -9.41
C MET C 236 -25.04 -2.73 -8.81
N LEU C 237 -24.45 -2.58 -7.62
CA LEU C 237 -24.40 -1.26 -6.98
C LEU C 237 -23.68 -0.24 -7.85
N ARG C 238 -22.78 -0.70 -8.73
CA ARG C 238 -22.05 0.19 -9.63
C ARG C 238 -22.66 0.25 -11.02
N ASN C 239 -23.20 -0.86 -11.52
CA ASN C 239 -23.50 -1.01 -12.93
C ASN C 239 -24.95 -1.32 -13.27
N ALA C 240 -25.81 -1.53 -12.27
CA ALA C 240 -27.20 -1.85 -12.59
C ALA C 240 -27.86 -0.84 -13.51
N PRO C 241 -27.62 0.47 -13.37
CA PRO C 241 -28.29 1.42 -14.28
C PRO C 241 -27.86 1.30 -15.74
N SER C 242 -26.73 0.66 -16.02
CA SER C 242 -26.17 0.65 -17.37
C SER C 242 -25.93 -0.73 -17.96
N VAL C 243 -26.06 -1.80 -17.18
CA VAL C 243 -25.79 -3.15 -17.64
C VAL C 243 -26.99 -4.03 -17.27
N ALA C 244 -27.36 -4.91 -18.19
CA ALA C 244 -28.54 -5.75 -18.01
C ALA C 244 -28.33 -6.75 -16.88
N PHE C 245 -29.44 -7.10 -16.21
CA PHE C 245 -29.40 -8.09 -15.14
C PHE C 245 -28.74 -9.38 -15.60
N GLU C 246 -29.11 -9.87 -16.80
CA GLU C 246 -28.59 -11.14 -17.27
C GLU C 246 -27.10 -11.07 -17.58
N ASP C 247 -26.60 -9.91 -18.01
CA ASP C 247 -25.18 -9.77 -18.28
C ASP C 247 -24.38 -9.81 -16.98
N ILE C 248 -24.88 -9.18 -15.92
CA ILE C 248 -24.18 -9.18 -14.64
C ILE C 248 -24.11 -10.61 -14.10
N ILE C 249 -25.24 -11.31 -14.08
CA ILE C 249 -25.27 -12.68 -13.59
C ILE C 249 -24.33 -13.55 -14.42
N ALA C 250 -24.35 -13.36 -15.75
CA ALA C 250 -23.57 -14.23 -16.62
C ALA C 250 -22.07 -13.94 -16.49
N ARG C 251 -21.69 -12.67 -16.36
CA ARG C 251 -20.26 -12.35 -16.31
C ARG C 251 -19.65 -12.72 -14.98
N GLN C 252 -20.43 -12.71 -13.89
CA GLN C 252 -19.92 -13.20 -12.63
C GLN C 252 -19.69 -14.71 -12.66
N LYS C 253 -20.48 -15.43 -13.46
CA LYS C 253 -20.17 -16.83 -13.71
C LYS C 253 -18.91 -16.97 -14.56
N ALA C 254 -18.84 -16.23 -15.66
CA ALA C 254 -17.72 -16.34 -16.58
C ALA C 254 -16.40 -15.94 -15.92
N LEU C 255 -16.43 -15.10 -14.88
CA LEU C 255 -15.21 -14.74 -14.16
C LEU C 255 -14.64 -15.90 -13.38
N GLY C 256 -15.44 -16.92 -13.08
CA GLY C 256 -14.99 -18.04 -12.27
C GLY C 256 -15.96 -18.36 -11.15
N GLY C 257 -17.02 -17.57 -11.02
CA GLY C 257 -18.03 -17.81 -10.02
C GLY C 257 -19.01 -18.88 -10.47
N SER C 258 -20.03 -19.09 -9.65
CA SER C 258 -21.10 -20.03 -9.97
C SER C 258 -22.19 -19.33 -10.76
N ASP C 259 -23.14 -20.13 -11.25
CA ASP C 259 -24.25 -19.65 -12.06
C ASP C 259 -25.45 -19.45 -11.15
N LEU C 260 -25.70 -18.19 -10.77
CA LEU C 260 -26.80 -17.88 -9.87
C LEU C 260 -28.16 -18.02 -10.54
N ALA C 261 -28.21 -18.11 -11.86
CA ALA C 261 -29.47 -18.30 -12.58
C ALA C 261 -29.91 -19.77 -12.62
N LYS C 262 -29.02 -20.70 -12.28
CA LYS C 262 -29.38 -22.11 -12.20
C LYS C 262 -30.16 -22.35 -10.91
N THR C 263 -31.44 -22.66 -11.03
CA THR C 263 -32.30 -22.89 -9.88
C THR C 263 -33.11 -24.16 -10.04
N PRO C 269 -34.96 -30.88 -3.92
CA PRO C 269 -36.00 -29.84 -3.88
C PRO C 269 -35.69 -28.72 -2.88
N GLY C 270 -35.08 -29.08 -1.75
CA GLY C 270 -34.75 -28.08 -0.76
C GLY C 270 -33.79 -27.03 -1.29
N ARG C 271 -32.69 -27.48 -1.92
CA ARG C 271 -31.73 -26.54 -2.47
C ARG C 271 -32.34 -25.72 -3.59
N ASP C 272 -33.16 -26.35 -4.43
CA ASP C 272 -33.76 -25.64 -5.55
C ASP C 272 -34.63 -24.48 -5.07
N ALA C 273 -35.38 -24.69 -3.99
CA ALA C 273 -36.22 -23.61 -3.47
C ALA C 273 -35.34 -22.46 -2.96
N LEU C 274 -34.26 -22.77 -2.26
CA LEU C 274 -33.36 -21.72 -1.80
C LEU C 274 -32.71 -20.99 -2.97
N ALA C 275 -32.35 -21.72 -4.02
CA ALA C 275 -31.76 -21.07 -5.19
C ALA C 275 -32.76 -20.15 -5.87
N ARG C 276 -34.03 -20.54 -5.94
CA ARG C 276 -35.05 -19.67 -6.50
C ARG C 276 -35.24 -18.43 -5.64
N GLN C 277 -35.36 -18.61 -4.32
CA GLN C 277 -35.43 -17.47 -3.41
C GLN C 277 -34.25 -16.53 -3.62
N ARG C 278 -33.05 -17.08 -3.78
CA ARG C 278 -31.87 -16.25 -3.98
C ARG C 278 -31.97 -15.49 -5.29
N LEU C 279 -32.35 -16.17 -6.37
CA LEU C 279 -32.45 -15.50 -7.66
C LEU C 279 -33.50 -14.40 -7.65
N GLU C 280 -34.65 -14.65 -7.00
CA GLU C 280 -35.67 -13.62 -6.90
C GLU C 280 -35.14 -12.41 -6.12
N PHE C 281 -34.41 -12.65 -5.03
CA PHE C 281 -33.80 -11.56 -4.29
C PHE C 281 -32.87 -10.76 -5.20
N LEU C 282 -32.04 -11.44 -5.99
CA LEU C 282 -31.11 -10.74 -6.87
C LEU C 282 -31.86 -9.88 -7.87
N ARG C 283 -33.01 -10.34 -8.34
CA ARG C 283 -33.82 -9.53 -9.25
C ARG C 283 -34.32 -8.27 -8.54
N ARG C 284 -34.75 -8.40 -7.29
CA ARG C 284 -35.22 -7.23 -6.55
C ARG C 284 -34.08 -6.26 -6.28
N PHE C 285 -32.91 -6.78 -5.87
CA PHE C 285 -31.78 -5.91 -5.60
C PHE C 285 -31.35 -5.17 -6.86
N TYR C 286 -31.39 -5.86 -8.00
CA TYR C 286 -31.09 -5.19 -9.28
C TYR C 286 -32.02 -4.00 -9.48
N GLU C 287 -33.32 -4.19 -9.25
CA GLU C 287 -34.25 -3.08 -9.35
C GLU C 287 -33.88 -1.96 -8.38
N TYR C 288 -33.57 -2.33 -7.14
CA TYR C 288 -33.14 -1.34 -6.16
C TYR C 288 -31.93 -0.57 -6.65
N ALA C 289 -30.91 -1.29 -7.13
CA ALA C 289 -29.66 -0.65 -7.53
C ALA C 289 -29.85 0.27 -8.74
N ARG C 290 -30.74 -0.10 -9.67
CA ARG C 290 -31.02 0.78 -10.80
C ARG C 290 -31.62 2.10 -10.33
N ALA C 291 -32.56 2.04 -9.39
CA ALA C 291 -33.23 3.24 -8.89
C ALA C 291 -32.40 3.99 -7.85
N ASN C 292 -31.45 3.31 -7.21
CA ASN C 292 -30.61 3.91 -6.17
C ASN C 292 -29.15 3.58 -6.45
N PRO C 293 -28.55 4.23 -7.46
CA PRO C 293 -27.16 3.94 -7.80
C PRO C 293 -26.24 4.01 -6.58
N GLY C 294 -25.45 2.96 -6.39
CA GLY C 294 -24.51 2.92 -5.29
C GLY C 294 -25.14 2.87 -3.92
N GLY C 295 -26.43 2.55 -3.83
CA GLY C 295 -27.10 2.46 -2.55
C GLY C 295 -27.69 3.76 -2.04
N ALA C 296 -27.88 4.74 -2.91
CA ALA C 296 -28.44 6.04 -2.52
C ALA C 296 -29.42 6.49 -3.59
N PRO C 297 -30.42 7.31 -3.22
CA PRO C 297 -30.62 7.94 -1.91
C PRO C 297 -31.25 7.04 -0.84
N LEU C 298 -31.91 5.95 -1.24
CA LEU C 298 -32.59 5.07 -0.29
C LEU C 298 -31.74 3.84 0.02
N GLY C 299 -31.82 3.39 1.27
CA GLY C 299 -31.24 2.12 1.66
C GLY C 299 -32.12 0.96 1.25
N TRP C 300 -31.63 -0.24 1.51
CA TRP C 300 -32.32 -1.45 1.07
C TRP C 300 -33.68 -1.58 1.74
N THR C 301 -33.70 -1.57 3.08
CA THR C 301 -34.96 -1.78 3.79
C THR C 301 -35.92 -0.60 3.58
N ALA C 302 -35.38 0.62 3.56
CA ALA C 302 -36.23 1.78 3.29
C ALA C 302 -36.86 1.67 1.91
N TRP C 303 -36.09 1.19 0.92
CA TRP C 303 -36.64 1.02 -0.41
C TRP C 303 -37.74 -0.03 -0.42
N LEU C 304 -37.57 -1.11 0.35
CA LEU C 304 -38.57 -2.17 0.37
C LEU C 304 -39.92 -1.67 0.87
N ALA C 305 -39.92 -0.67 1.77
CA ALA C 305 -41.17 -0.16 2.30
C ALA C 305 -42.07 0.45 1.24
N GLY C 306 -41.50 0.86 0.11
CA GLY C 306 -42.27 1.45 -0.97
C GLY C 306 -42.89 0.48 -1.94
N GLY C 307 -42.94 -0.81 -1.59
CA GLY C 307 -43.53 -1.80 -2.47
C GLY C 307 -45.05 -1.82 -2.40
N ALA C 308 -45.65 -2.32 -3.49
CA ALA C 308 -47.10 -2.41 -3.58
C ALA C 308 -47.64 -3.55 -2.72
N ASP D 30 16.73 11.23 -38.83
CA ASP D 30 15.48 10.48 -38.91
C ASP D 30 15.10 9.92 -37.54
N VAL D 31 14.13 10.58 -36.88
CA VAL D 31 13.67 10.16 -35.56
C VAL D 31 12.43 9.27 -35.63
N GLY D 32 11.84 9.08 -36.81
CA GLY D 32 10.73 8.17 -36.98
C GLY D 32 9.40 8.89 -37.08
N VAL D 33 8.38 8.09 -37.38
CA VAL D 33 7.02 8.59 -37.52
C VAL D 33 6.33 8.54 -36.17
N LEU D 34 5.77 9.68 -35.75
CA LEU D 34 4.99 9.73 -34.53
C LEU D 34 3.73 8.89 -34.71
N THR D 35 3.59 7.83 -33.91
CA THR D 35 2.55 6.84 -34.11
C THR D 35 1.80 6.59 -32.81
N LEU D 36 0.53 6.23 -32.93
CA LEU D 36 -0.30 5.93 -31.78
C LEU D 36 -0.01 4.52 -31.28
N ASP D 37 0.21 4.39 -29.96
CA ASP D 37 0.31 3.09 -29.32
C ASP D 37 -1.03 2.66 -28.74
N ALA D 38 -1.71 3.56 -28.03
CA ALA D 38 -2.99 3.29 -27.42
C ALA D 38 -3.73 4.61 -27.31
N PRO D 39 -4.99 4.69 -27.74
CA PRO D 39 -5.74 5.95 -27.60
C PRO D 39 -6.12 6.20 -26.15
N ALA D 40 -6.28 7.49 -25.82
CA ALA D 40 -6.60 7.87 -24.45
C ALA D 40 -7.81 7.13 -23.91
N ALA D 41 -8.79 6.86 -24.77
CA ALA D 41 -10.02 6.22 -24.34
C ALA D 41 -9.85 4.75 -24.00
N SER D 42 -8.74 4.13 -24.41
CA SER D 42 -8.53 2.72 -24.11
C SER D 42 -8.38 2.51 -22.62
N ALA D 43 -8.89 1.37 -22.13
CA ALA D 43 -8.85 1.05 -20.72
C ALA D 43 -7.78 0.00 -20.44
N LEU D 44 -8.18 -1.18 -19.97
CA LEU D 44 -7.20 -2.21 -19.65
C LEU D 44 -6.39 -2.56 -20.90
N PRO D 45 -5.06 -2.54 -20.84
CA PRO D 45 -4.27 -2.80 -22.05
C PRO D 45 -4.40 -4.24 -22.51
N HIS D 46 -4.16 -4.42 -23.81
CA HIS D 46 -4.15 -5.75 -24.40
C HIS D 46 -3.08 -6.62 -23.75
N ARG D 47 -3.36 -7.93 -23.69
CA ARG D 47 -2.42 -8.92 -23.17
C ARG D 47 -2.05 -8.66 -21.71
N PHE D 48 -2.95 -8.04 -20.95
CA PHE D 48 -2.71 -7.89 -19.52
C PHE D 48 -2.87 -9.24 -18.82
N ARG D 49 -1.92 -9.59 -17.97
CA ARG D 49 -2.04 -10.79 -17.16
C ARG D 49 -1.09 -10.69 -15.97
N THR D 50 -1.48 -11.34 -14.87
CA THR D 50 -0.62 -11.50 -13.71
C THR D 50 -0.29 -12.98 -13.54
N CYS D 51 0.71 -13.24 -12.69
CA CYS D 51 1.09 -14.62 -12.38
C CYS D 51 0.00 -15.37 -11.61
N PHE D 52 -1.13 -14.73 -11.31
CA PHE D 52 -2.27 -15.40 -10.70
C PHE D 52 -3.34 -15.76 -11.71
N PHE D 53 -3.16 -15.41 -12.99
CA PHE D 53 -4.18 -15.65 -13.98
C PHE D 53 -4.29 -17.14 -14.30
N PRO D 54 -5.43 -17.59 -14.79
CA PRO D 54 -5.56 -18.99 -15.20
C PRO D 54 -4.71 -19.29 -16.42
N LEU D 55 -4.33 -20.56 -16.55
CA LEU D 55 -3.53 -21.02 -17.68
C LEU D 55 -4.45 -21.62 -18.74
N THR D 56 -4.30 -21.16 -19.98
CA THR D 56 -5.08 -21.65 -21.11
C THR D 56 -4.24 -22.67 -21.87
N ALA D 57 -4.74 -23.91 -21.93
CA ALA D 57 -4.01 -24.97 -22.61
C ALA D 57 -4.02 -24.75 -24.12
N SER D 58 -2.97 -25.26 -24.77
CA SER D 58 -2.85 -25.17 -26.22
C SER D 58 -3.42 -26.42 -26.89
N ALA D 61 -1.87 -30.01 -26.28
CA ALA D 61 -0.78 -30.07 -25.31
C ALA D 61 -1.32 -30.07 -23.89
N ALA D 62 -0.54 -30.62 -22.97
CA ALA D 62 -0.91 -30.66 -21.57
C ALA D 62 -0.62 -29.31 -20.90
N VAL D 63 -1.32 -29.06 -19.80
CA VAL D 63 -1.09 -27.82 -19.06
C VAL D 63 0.27 -27.91 -18.38
N PRO D 64 1.15 -26.92 -18.55
CA PRO D 64 2.49 -27.01 -17.98
C PRO D 64 2.45 -26.94 -16.46
N SER D 65 3.59 -27.28 -15.85
CA SER D 65 3.70 -27.24 -14.40
C SER D 65 3.39 -25.84 -13.88
N ARG D 66 2.72 -25.79 -12.73
CA ARG D 66 2.37 -24.53 -12.07
C ARG D 66 3.27 -24.23 -10.88
N GLU D 67 4.21 -25.12 -10.57
CA GLU D 67 5.05 -24.96 -9.39
C GLU D 67 5.80 -23.63 -9.43
N GLY D 68 5.63 -22.82 -8.38
CA GLY D 68 6.35 -21.58 -8.24
C GLY D 68 5.85 -20.42 -9.05
N LEU D 69 4.75 -20.58 -9.79
CA LEU D 69 4.30 -19.52 -10.69
C LEU D 69 3.56 -18.42 -9.94
N ASN D 70 2.65 -18.80 -9.03
CA ASN D 70 1.81 -17.80 -8.37
C ASN D 70 2.62 -16.83 -7.52
N GLY D 71 3.76 -17.26 -6.98
CA GLY D 71 4.52 -16.46 -6.05
C GLY D 71 5.55 -15.54 -6.67
N LEU D 72 5.51 -15.34 -7.98
CA LEU D 72 6.56 -14.57 -8.66
C LEU D 72 6.41 -13.06 -8.49
N ARG D 73 5.26 -12.57 -8.03
CA ARG D 73 5.01 -11.13 -7.89
CA ARG D 73 5.02 -11.13 -7.90
C ARG D 73 5.35 -10.41 -9.20
N VAL D 74 4.73 -10.87 -10.28
CA VAL D 74 5.02 -10.32 -11.61
C VAL D 74 3.74 -10.28 -12.44
N SER D 75 3.65 -9.26 -13.30
CA SER D 75 2.57 -9.12 -14.24
C SER D 75 3.13 -8.48 -15.51
N GLY D 76 2.31 -8.46 -16.56
CA GLY D 76 2.72 -7.88 -17.83
C GLY D 76 1.53 -7.40 -18.62
N SER D 77 1.82 -6.57 -19.63
CA SER D 77 0.78 -6.04 -20.51
C SER D 77 1.42 -5.35 -21.69
N SER D 78 0.59 -4.99 -22.66
CA SER D 78 1.01 -4.11 -23.74
C SER D 78 1.04 -2.67 -23.25
N GLN D 79 1.38 -1.74 -24.15
CA GLN D 79 1.40 -0.34 -23.79
C GLN D 79 -0.01 0.13 -23.41
N PHE D 80 -0.07 0.94 -22.37
CA PHE D 80 -1.33 1.41 -21.80
C PHE D 80 -1.49 2.91 -22.04
N SER D 81 -2.74 3.35 -22.07
CA SER D 81 -3.04 4.77 -21.97
C SER D 81 -2.90 5.22 -20.52
N LEU D 82 -3.05 6.53 -20.29
CA LEU D 82 -3.03 7.03 -18.92
C LEU D 82 -4.19 6.46 -18.12
N ALA D 83 -5.38 6.41 -18.71
CA ALA D 83 -6.51 5.79 -18.04
C ALA D 83 -6.25 4.31 -17.77
N GLY D 84 -5.61 3.63 -18.73
CA GLY D 84 -5.29 2.22 -18.53
C GLY D 84 -4.37 2.00 -17.35
N LEU D 85 -3.38 2.86 -17.18
CA LEU D 85 -2.48 2.75 -16.04
C LEU D 85 -3.24 2.98 -14.74
N ALA D 86 -4.11 4.00 -14.71
CA ALA D 86 -4.90 4.25 -13.50
C ALA D 86 -5.79 3.06 -13.18
N LEU D 87 -6.38 2.44 -14.20
CA LEU D 87 -7.22 1.27 -13.95
C LEU D 87 -6.39 0.13 -13.38
N MET D 88 -5.24 -0.17 -14.00
CA MET D 88 -4.39 -1.23 -13.49
C MET D 88 -3.96 -0.96 -12.06
N ARG D 89 -3.77 0.31 -11.69
CA ARG D 89 -3.31 0.61 -10.34
C ARG D 89 -4.33 0.17 -9.30
N GLU D 90 -5.61 0.10 -9.68
CA GLU D 90 -6.65 -0.30 -8.73
C GLU D 90 -6.38 -1.70 -8.17
N GLN D 91 -5.69 -2.55 -8.93
CA GLN D 91 -5.38 -3.91 -8.50
C GLN D 91 -3.89 -4.14 -8.30
N PHE D 92 -3.06 -3.11 -8.44
CA PHE D 92 -1.64 -3.25 -8.15
C PHE D 92 -1.43 -3.34 -6.64
N PRO D 93 -0.57 -4.25 -6.17
CA PRO D 93 -0.26 -4.29 -4.74
C PRO D 93 0.60 -3.10 -4.34
N PRO D 94 0.83 -2.92 -3.04
CA PRO D 94 1.74 -1.86 -2.62
C PRO D 94 3.14 -2.11 -3.16
N ARG D 95 3.85 -1.02 -3.43
CA ARG D 95 5.24 -1.09 -3.87
C ARG D 95 5.35 -1.80 -5.22
N ALA D 96 4.56 -1.36 -6.18
CA ALA D 96 4.57 -1.91 -7.53
C ALA D 96 5.44 -1.05 -8.43
N VAL D 97 6.10 -1.70 -9.39
CA VAL D 97 7.06 -1.05 -10.28
C VAL D 97 6.63 -1.28 -11.73
N ILE D 98 6.49 -0.19 -12.47
CA ILE D 98 6.33 -0.27 -13.92
C ILE D 98 7.72 -0.41 -14.54
N VAL D 99 7.96 -1.52 -15.22
CA VAL D 99 9.25 -1.78 -15.86
C VAL D 99 9.03 -1.61 -17.35
N ASP D 100 9.51 -0.50 -17.90
CA ASP D 100 9.34 -0.15 -19.30
C ASP D 100 10.52 -0.73 -20.09
N LEU D 101 10.22 -1.65 -21.01
CA LEU D 101 11.24 -2.35 -21.77
C LEU D 101 11.46 -1.78 -23.17
N ARG D 102 10.90 -0.61 -23.46
CA ARG D 102 10.89 -0.08 -24.81
C ARG D 102 12.13 0.77 -25.05
N ARG D 103 13.00 0.30 -25.95
CA ARG D 103 14.14 1.11 -26.37
C ARG D 103 13.69 2.28 -27.23
N GLU D 104 12.59 2.13 -27.96
CA GLU D 104 12.08 3.21 -28.80
C GLU D 104 11.57 4.35 -27.93
N SER D 105 11.72 5.56 -28.44
CA SER D 105 11.20 6.74 -27.75
C SER D 105 9.69 6.71 -27.75
N HIS D 106 9.10 7.01 -26.60
CA HIS D 106 7.66 7.01 -26.47
C HIS D 106 7.26 7.81 -25.24
N GLY D 107 5.96 8.02 -25.11
CA GLY D 107 5.43 8.81 -24.01
C GLY D 107 3.94 9.00 -24.16
N PHE D 108 3.42 10.11 -23.63
CA PHE D 108 1.99 10.36 -23.65
C PHE D 108 1.72 11.76 -24.17
N LEU D 109 0.74 11.87 -25.04
CA LEU D 109 0.21 13.16 -25.51
C LEU D 109 -1.23 13.20 -25.01
N GLY D 110 -1.48 13.96 -23.96
CA GLY D 110 -2.71 13.79 -23.23
C GLY D 110 -2.73 12.39 -22.62
N GLY D 111 -3.88 11.73 -22.69
CA GLY D 111 -3.96 10.35 -22.29
C GLY D 111 -3.47 9.36 -23.33
N ASN D 112 -3.18 9.82 -24.54
CA ASN D 112 -2.79 8.94 -25.62
C ASN D 112 -1.34 8.49 -25.45
N ALA D 113 -1.11 7.18 -25.55
CA ALA D 113 0.24 6.65 -25.61
C ALA D 113 0.74 6.72 -27.04
N VAL D 114 1.87 7.39 -27.26
CA VAL D 114 2.42 7.60 -28.59
C VAL D 114 3.90 7.22 -28.56
N SER D 115 4.44 6.96 -29.76
CA SER D 115 5.84 6.57 -29.89
C SER D 115 6.37 7.03 -31.24
N TRP D 116 7.69 7.06 -31.35
CA TRP D 116 8.38 7.42 -32.59
C TRP D 116 8.92 6.14 -33.22
N ARG D 117 8.31 5.74 -34.33
CA ARG D 117 8.56 4.43 -34.93
C ARG D 117 9.48 4.57 -36.13
N LEU D 118 10.66 3.97 -36.03
CA LEU D 118 11.54 3.76 -37.17
C LEU D 118 11.19 2.46 -37.87
N PRO D 119 11.76 2.20 -39.05
CA PRO D 119 11.52 0.91 -39.71
C PRO D 119 11.81 -0.24 -38.76
N ASP D 120 10.90 -1.23 -38.77
CA ASP D 120 10.97 -2.37 -37.86
CA ASP D 120 10.97 -2.37 -37.86
C ASP D 120 10.94 -1.94 -36.39
N ASN D 121 10.51 -0.70 -36.13
CA ASN D 121 10.43 -0.15 -34.78
C ASN D 121 11.78 -0.24 -34.06
N GLN D 122 12.85 0.06 -34.80
CA GLN D 122 14.21 0.00 -34.26
C GLN D 122 14.71 1.38 -33.87
N GLY D 123 13.93 2.09 -33.06
CA GLY D 123 14.35 3.40 -32.61
C GLY D 123 15.51 3.32 -31.64
N ASN D 124 16.28 4.41 -31.58
CA ASN D 124 17.44 4.52 -30.70
C ASN D 124 18.30 3.26 -30.75
N PRO D 125 18.66 2.79 -31.93
CA PRO D 125 19.35 1.50 -32.04
C PRO D 125 20.63 1.47 -31.21
N GLY D 126 20.78 0.39 -30.44
CA GLY D 126 21.97 0.18 -29.65
C GLY D 126 22.18 1.14 -28.49
N ARG D 127 21.17 1.94 -28.14
CA ARG D 127 21.30 2.92 -27.07
C ARG D 127 20.72 2.38 -25.78
N ASP D 128 21.28 2.84 -24.66
CA ASP D 128 20.83 2.40 -23.35
C ASP D 128 19.73 3.34 -22.83
N ALA D 129 19.17 2.99 -21.66
CA ALA D 129 18.03 3.73 -21.14
C ALA D 129 18.37 5.18 -20.84
N ALA D 130 19.61 5.46 -20.44
CA ALA D 130 19.99 6.84 -20.12
C ALA D 130 19.96 7.71 -21.37
N PHE D 131 20.48 7.19 -22.49
CA PHE D 131 20.41 7.92 -23.74
C PHE D 131 18.97 8.07 -24.21
N VAL D 132 18.20 6.97 -24.15
CA VAL D 132 16.82 7.00 -24.65
C VAL D 132 15.99 8.02 -23.89
N ALA D 133 16.10 8.03 -22.56
CA ALA D 133 15.27 8.91 -21.75
C ALA D 133 15.48 10.36 -22.12
N GLU D 134 16.73 10.76 -22.35
CA GLU D 134 16.99 12.17 -22.70
C GLU D 134 16.51 12.47 -24.12
N ALA D 135 16.70 11.53 -25.05
CA ALA D 135 16.27 11.75 -26.42
C ALA D 135 14.75 11.87 -26.52
N GLU D 136 14.02 10.94 -25.88
CA GLU D 136 12.56 11.00 -25.93
C GLU D 136 12.04 12.19 -25.14
N ALA D 137 12.75 12.61 -24.10
CA ALA D 137 12.34 13.81 -23.37
C ALA D 137 12.31 15.02 -24.28
N ALA D 138 13.29 15.15 -25.17
CA ALA D 138 13.32 16.25 -26.12
C ALA D 138 12.20 16.12 -27.15
N LEU D 139 11.94 14.90 -27.61
CA LEU D 139 10.87 14.69 -28.58
C LEU D 139 9.51 15.04 -27.97
N LEU D 140 9.29 14.67 -26.71
CA LEU D 140 8.03 15.01 -26.05
C LEU D 140 7.93 16.51 -25.82
N ALA D 141 9.04 17.14 -25.43
CA ALA D 141 9.01 18.59 -25.22
C ALA D 141 8.64 19.33 -26.50
N ALA D 142 8.98 18.76 -27.65
CA ALA D 142 8.72 19.42 -28.93
C ALA D 142 7.26 19.38 -29.35
N ILE D 143 6.46 18.50 -28.74
CA ILE D 143 5.03 18.41 -29.03
C ILE D 143 4.18 18.83 -27.85
N ASP D 144 4.79 19.27 -26.74
CA ASP D 144 4.03 19.61 -25.55
C ASP D 144 3.21 20.88 -25.77
N GLU D 145 1.91 20.79 -25.55
CA GLU D 145 1.01 21.94 -25.62
C GLU D 145 1.15 22.67 -26.96
N ARG D 146 1.14 21.90 -28.04
CA ARG D 146 1.17 22.46 -29.38
C ARG D 146 0.01 21.89 -30.20
N PRO D 147 -0.62 22.69 -31.05
CA PRO D 147 -1.76 22.19 -31.83
C PRO D 147 -1.31 21.46 -33.09
N ASP D 148 -2.26 20.75 -33.68
CA ASP D 148 -2.07 20.13 -35.00
C ASP D 148 -0.87 19.18 -35.00
N ILE D 149 -0.77 18.36 -33.97
CA ILE D 149 0.21 17.28 -33.93
C ILE D 149 -0.39 16.07 -34.64
N VAL D 150 0.25 15.63 -35.70
CA VAL D 150 -0.25 14.52 -36.52
C VAL D 150 0.32 13.22 -35.96
N VAL D 151 -0.57 12.31 -35.57
CA VAL D 151 -0.19 11.03 -35.00
C VAL D 151 -0.71 9.94 -35.93
N ALA D 152 0.20 9.20 -36.54
CA ALA D 152 -0.19 8.12 -37.43
C ALA D 152 -0.89 7.01 -36.65
N ARG D 153 -1.69 6.24 -37.37
CA ARG D 153 -2.41 5.11 -36.78
C ARG D 153 -2.34 3.91 -37.72
N GLU D 154 -1.87 2.79 -37.19
CA GLU D 154 -1.91 1.54 -37.91
C GLU D 154 -3.36 1.06 -38.03
N ALA D 155 -3.59 0.15 -38.98
CA ALA D 155 -4.95 -0.35 -39.21
C ALA D 155 -5.54 -0.94 -37.94
N ARG D 156 -4.72 -1.64 -37.15
CA ARG D 156 -5.22 -2.28 -35.94
C ARG D 156 -5.63 -1.28 -34.87
N ARG D 157 -5.19 -0.03 -34.98
CA ARG D 157 -5.44 0.99 -33.96
C ARG D 157 -6.26 2.15 -34.51
N GLY D 158 -7.21 1.84 -35.38
CA GLY D 158 -8.12 2.83 -35.91
C GLY D 158 -7.66 3.52 -37.18
N GLY D 159 -6.53 3.12 -37.75
CA GLY D 159 -6.01 3.74 -38.94
C GLY D 159 -6.83 3.38 -40.17
N PRO D 160 -6.30 3.66 -41.37
CA PRO D 160 -5.00 4.29 -41.61
C PRO D 160 -5.01 5.82 -41.47
N THR D 161 -6.18 6.41 -41.28
CA THR D 161 -6.26 7.85 -41.14
C THR D 161 -5.58 8.29 -39.84
N PRO D 162 -4.78 9.34 -39.87
CA PRO D 162 -4.06 9.76 -38.67
C PRO D 162 -4.96 10.54 -37.72
N LEU D 163 -4.43 10.77 -36.52
CA LEU D 163 -5.06 11.64 -35.54
C LEU D 163 -4.33 12.98 -35.52
N THR D 164 -5.10 14.06 -35.45
CA THR D 164 -4.57 15.41 -35.29
C THR D 164 -4.98 15.91 -33.91
N LEU D 165 -3.99 16.17 -33.05
CA LEU D 165 -4.23 16.46 -31.66
C LEU D 165 -3.50 17.73 -31.24
N GLY D 166 -3.92 18.29 -30.11
CA GLY D 166 -3.23 19.40 -29.51
C GLY D 166 -4.11 20.63 -29.40
N PRO D 167 -3.78 21.53 -28.45
CA PRO D 167 -2.67 21.40 -27.51
C PRO D 167 -2.98 20.44 -26.36
N LEU D 168 -2.02 19.58 -26.03
CA LEU D 168 -2.18 18.61 -24.97
C LEU D 168 -0.87 18.48 -24.21
N PRO D 169 -0.92 18.11 -22.93
CA PRO D 169 0.33 17.93 -22.16
C PRO D 169 1.06 16.66 -22.59
N ALA D 170 2.35 16.81 -22.87
CA ALA D 170 3.20 15.69 -23.23
C ALA D 170 4.11 15.35 -22.04
N VAL D 171 4.02 14.11 -21.56
CA VAL D 171 4.80 13.67 -20.41
C VAL D 171 5.43 12.31 -20.72
N SER D 172 6.55 12.05 -20.07
CA SER D 172 7.18 10.74 -20.13
C SER D 172 6.39 9.74 -19.31
N GLU D 173 6.58 8.46 -19.61
CA GLU D 173 5.95 7.43 -18.79
C GLU D 173 6.53 7.44 -17.38
N ALA D 174 7.80 7.84 -17.23
CA ALA D 174 8.39 7.96 -15.90
C ALA D 174 7.54 8.87 -15.01
N GLN D 175 7.15 10.03 -15.54
CA GLN D 175 6.35 10.96 -14.75
C GLN D 175 4.92 10.45 -14.57
N ALA D 176 4.36 9.82 -15.61
CA ALA D 176 3.03 9.26 -15.49
C ALA D 176 2.97 8.26 -14.34
N ALA D 177 3.99 7.40 -14.22
CA ALA D 177 4.04 6.46 -13.11
C ALA D 177 4.23 7.18 -11.78
N ALA D 178 5.12 8.17 -11.75
CA ALA D 178 5.35 8.92 -10.52
C ALA D 178 4.07 9.61 -10.04
N SER D 179 3.30 10.17 -10.99
CA SER D 179 2.07 10.87 -10.63
C SER D 179 1.04 9.97 -9.97
N LEU D 180 1.23 8.65 -10.05
CA LEU D 180 0.34 7.69 -9.41
C LEU D 180 1.00 7.00 -8.22
N GLY D 181 2.20 7.42 -7.84
CA GLY D 181 2.89 6.78 -6.74
C GLY D 181 3.42 5.40 -7.06
N LEU D 182 3.77 5.15 -8.33
CA LEU D 182 4.26 3.86 -8.78
C LEU D 182 5.73 3.97 -9.16
N GLY D 183 6.50 2.94 -8.83
CA GLY D 183 7.89 2.89 -9.25
C GLY D 183 8.01 2.79 -10.76
N TYR D 184 9.21 3.11 -11.26
CA TYR D 184 9.45 3.10 -12.69
C TYR D 184 10.90 2.74 -12.96
N LEU D 185 11.11 1.76 -13.85
CA LEU D 185 12.43 1.36 -14.31
C LEU D 185 12.40 1.22 -15.83
N ARG D 186 13.41 1.78 -16.49
CA ARG D 186 13.51 1.76 -17.94
C ARG D 186 14.68 0.86 -18.36
N LEU D 187 14.39 -0.13 -19.20
CA LEU D 187 15.40 -1.02 -19.77
C LEU D 187 15.21 -1.02 -21.27
N ALA D 188 16.22 -0.54 -22.00
CA ALA D 188 16.10 -0.34 -23.45
C ALA D 188 16.32 -1.65 -24.17
N VAL D 189 15.23 -2.25 -24.65
CA VAL D 189 15.25 -3.50 -25.41
C VAL D 189 14.63 -3.24 -26.77
N SER D 190 15.35 -3.62 -27.83
CA SER D 190 14.85 -3.42 -29.18
C SER D 190 13.69 -4.38 -29.48
N ASP D 191 12.69 -3.86 -30.18
CA ASP D 191 11.58 -4.69 -30.62
C ASP D 191 12.09 -5.91 -31.37
N HIS D 192 11.44 -7.05 -31.16
CA HIS D 192 11.74 -8.32 -31.82
C HIS D 192 13.09 -8.90 -31.43
N THR D 193 13.74 -8.37 -30.39
CA THR D 193 15.12 -8.71 -30.09
C THR D 193 15.25 -9.07 -28.61
N ARG D 194 16.20 -9.98 -28.34
CA ARG D 194 16.58 -10.28 -26.97
C ARG D 194 17.17 -9.04 -26.31
N PRO D 195 17.23 -9.02 -24.98
CA PRO D 195 17.93 -7.92 -24.30
C PRO D 195 19.44 -8.08 -24.42
N ASP D 196 20.12 -6.95 -24.55
CA ASP D 196 21.58 -6.97 -24.56
C ASP D 196 22.11 -7.50 -23.23
N ASP D 197 23.34 -8.00 -23.25
CA ASP D 197 23.95 -8.52 -22.04
C ASP D 197 23.98 -7.46 -20.95
N ALA D 198 24.29 -6.21 -21.31
CA ALA D 198 24.31 -5.14 -20.32
C ALA D 198 22.94 -4.92 -19.70
N VAL D 199 21.88 -5.09 -20.48
CA VAL D 199 20.53 -4.97 -19.92
C VAL D 199 20.23 -6.15 -19.00
N VAL D 200 20.65 -7.35 -19.39
CA VAL D 200 20.45 -8.51 -18.54
C VAL D 200 21.22 -8.35 -17.23
N GLU D 201 22.46 -7.90 -17.31
CA GLU D 201 23.26 -7.68 -16.10
C GLU D 201 22.56 -6.69 -15.17
N ARG D 202 22.05 -5.58 -15.71
CA ARG D 202 21.41 -4.59 -14.87
C ARG D 202 20.14 -5.14 -14.24
N PHE D 203 19.38 -5.94 -14.98
CA PHE D 203 18.11 -6.43 -14.43
C PHE D 203 18.35 -7.47 -13.33
N VAL D 204 19.32 -8.36 -13.51
CA VAL D 204 19.63 -9.33 -12.47
C VAL D 204 20.03 -8.61 -11.18
N ARG D 205 20.91 -7.61 -11.31
CA ARG D 205 21.27 -6.80 -10.15
C ARG D 205 20.05 -6.09 -9.57
N PHE D 206 19.18 -5.58 -10.43
CA PHE D 206 17.94 -4.95 -9.95
C PHE D 206 17.08 -5.97 -9.22
N SER D 207 16.90 -7.16 -9.79
CA SER D 207 16.09 -8.19 -9.15
C SER D 207 16.63 -8.53 -7.76
N ARG D 208 17.95 -8.73 -7.66
CA ARG D 208 18.53 -9.11 -6.38
C ARG D 208 18.33 -8.04 -5.31
N SER D 209 18.20 -6.78 -5.72
CA SER D 209 18.09 -5.68 -4.76
C SER D 209 16.67 -5.47 -4.26
N LEU D 210 15.69 -6.22 -4.77
CA LEU D 210 14.29 -5.95 -4.43
C LEU D 210 13.94 -6.55 -3.08
N PRO D 211 13.33 -5.78 -2.18
CA PRO D 211 12.74 -6.38 -0.99
C PRO D 211 11.64 -7.36 -1.37
N PRO D 212 11.25 -8.26 -0.46
CA PRO D 212 10.30 -9.33 -0.83
C PRO D 212 8.91 -8.84 -1.20
N ASP D 213 8.58 -7.57 -0.97
CA ASP D 213 7.22 -7.07 -1.21
C ASP D 213 7.08 -6.29 -2.50
N VAL D 214 8.14 -6.16 -3.30
CA VAL D 214 8.09 -5.35 -4.51
C VAL D 214 7.50 -6.18 -5.65
N TRP D 215 6.56 -5.58 -6.39
CA TRP D 215 5.88 -6.21 -7.51
C TRP D 215 6.34 -5.55 -8.80
N LEU D 216 6.62 -6.37 -9.81
CA LEU D 216 7.10 -5.90 -11.11
C LEU D 216 6.03 -6.11 -12.16
N HIS D 217 5.64 -5.04 -12.84
CA HIS D 217 4.75 -5.12 -13.99
C HIS D 217 5.54 -4.70 -15.23
N PHE D 218 5.89 -5.69 -16.06
CA PHE D 218 6.60 -5.41 -17.30
C PHE D 218 5.63 -4.99 -18.39
N HIS D 219 6.14 -4.22 -19.35
CA HIS D 219 5.36 -3.92 -20.53
C HIS D 219 6.28 -3.50 -21.66
N SER D 220 5.81 -3.73 -22.87
CA SER D 220 6.50 -3.31 -24.09
C SER D 220 5.51 -2.50 -24.91
N ARG D 221 5.53 -2.64 -26.24
CA ARG D 221 4.47 -2.05 -27.04
C ARG D 221 3.27 -2.98 -27.11
N GLY D 222 3.50 -4.26 -27.41
CA GLY D 222 2.42 -5.22 -27.60
C GLY D 222 2.28 -6.20 -26.47
N GLY D 223 3.17 -6.15 -25.48
CA GLY D 223 3.10 -7.08 -24.37
C GLY D 223 3.34 -8.53 -24.76
N ALA D 224 4.06 -8.76 -25.87
CA ALA D 224 4.29 -10.11 -26.35
C ALA D 224 5.76 -10.43 -26.16
N GLY D 225 6.59 -10.35 -27.20
CA GLY D 225 7.97 -10.82 -27.13
C GLY D 225 8.78 -10.30 -25.97
N ARG D 226 8.95 -8.98 -25.89
CA ARG D 226 9.80 -8.40 -24.85
C ARG D 226 9.19 -8.61 -23.46
N THR D 227 7.89 -8.35 -23.32
CA THR D 227 7.25 -8.53 -22.01
C THR D 227 7.35 -9.98 -21.55
N THR D 228 6.99 -10.93 -22.42
CA THR D 228 7.03 -12.33 -22.03
C THR D 228 8.46 -12.77 -21.74
N THR D 229 9.44 -12.21 -22.44
CA THR D 229 10.83 -12.55 -22.20
C THR D 229 11.23 -12.26 -20.76
N PHE D 230 10.87 -11.08 -20.26
CA PHE D 230 11.29 -10.68 -18.93
C PHE D 230 10.43 -11.31 -17.84
N MET D 231 9.16 -11.57 -18.11
CA MET D 231 8.39 -12.42 -17.20
C MET D 231 9.02 -13.80 -17.10
N THR D 232 9.58 -14.30 -18.21
CA THR D 232 10.27 -15.58 -18.18
C THR D 232 11.55 -15.49 -17.37
N LEU D 233 12.31 -14.41 -17.52
CA LEU D 233 13.53 -14.24 -16.74
C LEU D 233 13.22 -14.24 -15.24
N VAL D 234 12.15 -13.55 -14.85
CA VAL D 234 11.75 -13.56 -13.44
C VAL D 234 11.36 -14.97 -13.01
N ASP D 235 10.59 -15.67 -13.86
CA ASP D 235 10.23 -17.05 -13.58
C ASP D 235 11.47 -17.92 -13.37
N MET D 236 12.45 -17.78 -14.26
CA MET D 236 13.65 -18.62 -14.19
C MET D 236 14.50 -18.27 -12.96
N LEU D 237 14.63 -16.98 -12.65
CA LEU D 237 15.44 -16.59 -11.51
C LEU D 237 14.93 -17.22 -10.22
N ARG D 238 13.64 -17.57 -10.17
CA ARG D 238 13.05 -18.20 -8.99
C ARG D 238 12.94 -19.71 -9.12
N ASN D 239 12.60 -20.23 -10.30
CA ASN D 239 12.14 -21.60 -10.44
C ASN D 239 12.99 -22.47 -11.36
N ALA D 240 14.01 -21.91 -12.01
CA ALA D 240 14.84 -22.73 -12.90
C ALA D 240 15.38 -23.98 -12.23
N PRO D 241 15.83 -23.96 -10.97
CA PRO D 241 16.36 -25.17 -10.35
C PRO D 241 15.34 -26.29 -10.20
N SER D 242 14.04 -25.98 -10.25
CA SER D 242 13.00 -26.95 -9.91
C SER D 242 11.97 -27.16 -11.02
N VAL D 243 11.94 -26.34 -12.05
CA VAL D 243 10.95 -26.43 -13.11
C VAL D 243 11.69 -26.52 -14.44
N ALA D 244 11.17 -27.37 -15.33
CA ALA D 244 11.81 -27.59 -16.62
C ALA D 244 11.71 -26.35 -17.50
N PHE D 245 12.73 -26.17 -18.34
CA PHE D 245 12.75 -25.05 -19.27
C PHE D 245 11.47 -24.99 -20.10
N GLU D 246 11.00 -26.14 -20.57
CA GLU D 246 9.85 -26.16 -21.46
C GLU D 246 8.57 -25.79 -20.73
N ASP D 247 8.48 -26.09 -19.43
CA ASP D 247 7.28 -25.71 -18.68
C ASP D 247 7.24 -24.21 -18.44
N ILE D 248 8.38 -23.58 -18.17
CA ILE D 248 8.40 -22.14 -17.94
C ILE D 248 8.00 -21.40 -19.21
N ILE D 249 8.60 -21.76 -20.35
CA ILE D 249 8.26 -21.12 -21.61
C ILE D 249 6.78 -21.34 -21.91
N ALA D 250 6.28 -22.55 -21.68
CA ALA D 250 4.90 -22.86 -22.06
C ALA D 250 3.90 -22.17 -21.14
N ARG D 251 4.21 -22.07 -19.84
CA ARG D 251 3.25 -21.46 -18.93
C ARG D 251 3.23 -19.94 -19.08
N GLN D 252 4.35 -19.32 -19.45
CA GLN D 252 4.32 -17.89 -19.71
C GLN D 252 3.46 -17.57 -20.93
N LYS D 253 3.41 -18.48 -21.91
CA LYS D 253 2.46 -18.33 -23.00
C LYS D 253 1.04 -18.58 -22.51
N ALA D 254 0.83 -19.70 -21.80
CA ALA D 254 -0.51 -20.04 -21.34
C ALA D 254 -1.10 -18.95 -20.45
N LEU D 255 -0.24 -18.17 -19.77
CA LEU D 255 -0.73 -17.07 -18.94
C LEU D 255 -1.32 -15.93 -19.76
N GLY D 256 -1.02 -15.87 -21.05
CA GLY D 256 -1.48 -14.79 -21.89
C GLY D 256 -0.37 -14.13 -22.67
N GLY D 257 0.87 -14.58 -22.45
CA GLY D 257 2.01 -14.09 -23.19
C GLY D 257 2.11 -14.74 -24.56
N SER D 258 3.23 -14.47 -25.22
CA SER D 258 3.51 -15.02 -26.53
C SER D 258 4.31 -16.31 -26.41
N ASP D 259 4.49 -16.99 -27.54
CA ASP D 259 5.21 -18.26 -27.61
C ASP D 259 6.66 -17.96 -27.98
N LEU D 260 7.55 -17.93 -26.98
CA LEU D 260 8.95 -17.67 -27.24
C LEU D 260 9.65 -18.85 -27.91
N ALA D 261 9.00 -20.01 -27.99
CA ALA D 261 9.55 -21.18 -28.67
C ALA D 261 9.07 -21.31 -30.11
N LYS D 262 8.16 -20.43 -30.56
CA LYS D 262 7.64 -20.50 -31.92
C LYS D 262 8.70 -20.05 -32.92
N ALA D 268 9.75 -14.56 -43.17
CA ALA D 268 10.42 -13.46 -42.47
C ALA D 268 11.77 -13.92 -41.91
N PRO D 269 12.74 -14.16 -42.79
CA PRO D 269 14.04 -14.66 -42.32
C PRO D 269 14.69 -13.79 -41.26
N GLY D 270 14.62 -12.46 -41.40
CA GLY D 270 15.23 -11.60 -40.41
C GLY D 270 14.62 -11.75 -39.03
N ARG D 271 13.30 -11.74 -38.95
CA ARG D 271 12.63 -11.92 -37.66
C ARG D 271 12.89 -13.31 -37.08
N ASP D 272 12.94 -14.32 -37.94
CA ASP D 272 13.20 -15.68 -37.45
C ASP D 272 14.58 -15.78 -36.81
N ALA D 273 15.59 -15.14 -37.41
CA ALA D 273 16.92 -15.17 -36.83
C ALA D 273 16.94 -14.50 -35.45
N LEU D 274 16.24 -13.37 -35.31
CA LEU D 274 16.16 -12.72 -34.01
C LEU D 274 15.45 -13.59 -32.99
N ALA D 275 14.36 -14.25 -33.41
CA ALA D 275 13.63 -15.12 -32.49
C ALA D 275 14.46 -16.32 -32.08
N ARG D 276 15.24 -16.88 -33.01
CA ARG D 276 16.15 -17.97 -32.67
C ARG D 276 17.25 -17.49 -31.72
N GLN D 277 17.84 -16.34 -32.02
CA GLN D 277 18.82 -15.74 -31.11
C GLN D 277 18.22 -15.56 -29.72
N ARG D 278 16.96 -15.12 -29.66
CA ARG D 278 16.30 -14.90 -28.37
C ARG D 278 16.09 -16.22 -27.63
N LEU D 279 15.65 -17.26 -28.34
CA LEU D 279 15.43 -18.54 -27.68
C LEU D 279 16.74 -19.13 -27.17
N GLU D 280 17.82 -19.00 -27.95
CA GLU D 280 19.12 -19.47 -27.50
C GLU D 280 19.55 -18.73 -26.22
N PHE D 281 19.33 -17.41 -26.18
CA PHE D 281 19.64 -16.66 -24.98
C PHE D 281 18.85 -17.17 -23.78
N LEU D 282 17.56 -17.50 -24.00
CA LEU D 282 16.73 -18.00 -22.91
C LEU D 282 17.23 -19.36 -22.42
N ARG D 283 17.78 -20.19 -23.31
CA ARG D 283 18.34 -21.46 -22.87
C ARG D 283 19.59 -21.23 -22.01
N ARG D 284 20.46 -20.31 -22.42
CA ARG D 284 21.65 -20.03 -21.63
C ARG D 284 21.29 -19.39 -20.28
N PHE D 285 20.31 -18.48 -20.28
CA PHE D 285 19.91 -17.87 -19.01
C PHE D 285 19.30 -18.90 -18.07
N TYR D 286 18.54 -19.85 -18.63
CA TYR D 286 18.00 -20.93 -17.82
C TYR D 286 19.11 -21.69 -17.10
N GLU D 287 20.17 -22.04 -17.83
CA GLU D 287 21.30 -22.72 -17.20
C GLU D 287 21.98 -21.82 -16.18
N TYR D 288 22.12 -20.53 -16.50
CA TYR D 288 22.67 -19.59 -15.52
C TYR D 288 21.81 -19.58 -14.24
N ALA D 289 20.49 -19.49 -14.41
CA ALA D 289 19.61 -19.42 -13.25
C ALA D 289 19.59 -20.73 -12.46
N ARG D 290 19.74 -21.86 -13.13
CA ARG D 290 19.85 -23.13 -12.42
C ARG D 290 21.09 -23.16 -11.55
N ALA D 291 22.23 -22.72 -12.10
CA ALA D 291 23.49 -22.71 -11.36
C ALA D 291 23.59 -21.55 -10.38
N ASN D 292 22.86 -20.47 -10.62
CA ASN D 292 22.91 -19.28 -9.76
C ASN D 292 21.49 -18.86 -9.40
N PRO D 293 20.84 -19.61 -8.50
CA PRO D 293 19.47 -19.27 -8.10
C PRO D 293 19.33 -17.82 -7.67
N GLY D 294 18.35 -17.13 -8.26
CA GLY D 294 18.09 -15.75 -7.90
C GLY D 294 19.16 -14.78 -8.34
N GLY D 295 20.07 -15.18 -9.22
CA GLY D 295 21.13 -14.30 -9.68
C GLY D 295 22.36 -14.30 -8.81
N ALA D 296 22.53 -15.30 -7.93
CA ALA D 296 23.69 -15.40 -7.06
C ALA D 296 24.17 -16.85 -7.06
N PRO D 297 25.46 -17.07 -6.78
CA PRO D 297 26.47 -16.09 -6.35
C PRO D 297 27.08 -15.26 -7.49
N LEU D 298 26.94 -15.69 -8.74
CA LEU D 298 27.53 -15.00 -9.87
C LEU D 298 26.49 -14.22 -10.65
N GLY D 299 26.88 -13.05 -11.15
CA GLY D 299 26.06 -12.29 -12.06
C GLY D 299 26.09 -12.88 -13.45
N TRP D 300 25.35 -12.22 -14.34
CA TRP D 300 25.19 -12.72 -15.71
C TRP D 300 26.51 -12.70 -16.47
N THR D 301 27.14 -11.53 -16.54
CA THR D 301 28.38 -11.42 -17.33
C THR D 301 29.53 -12.16 -16.66
N ALA D 302 29.59 -12.14 -15.33
CA ALA D 302 30.62 -12.91 -14.63
C ALA D 302 30.46 -14.40 -14.91
N TRP D 303 29.21 -14.87 -14.98
CA TRP D 303 28.97 -16.28 -15.31
C TRP D 303 29.37 -16.57 -16.76
N LEU D 304 29.12 -15.63 -17.67
CA LEU D 304 29.47 -15.84 -19.06
C LEU D 304 30.98 -15.99 -19.25
N ALA D 305 31.77 -15.35 -18.39
CA ALA D 305 33.22 -15.41 -18.53
C ALA D 305 33.77 -16.82 -18.34
N GLY D 306 33.04 -17.69 -17.64
CA GLY D 306 33.46 -19.05 -17.40
C GLY D 306 33.21 -20.02 -18.52
N GLY D 307 32.82 -19.53 -19.71
CA GLY D 307 32.56 -20.41 -20.83
C GLY D 307 33.83 -20.90 -21.50
N ALA D 308 33.67 -21.93 -22.32
CA ALA D 308 34.79 -22.54 -23.03
C ALA D 308 35.23 -21.67 -24.20
#